data_5T1K
#
_entry.id   5T1K
#
_cell.length_a   64.280
_cell.length_b   83.250
_cell.length_c   212.300
_cell.angle_alpha   90.00
_cell.angle_beta   90.00
_cell.angle_gamma   90.00
#
_symmetry.space_group_name_H-M   'P 21 21 21'
#
loop_
_entity.id
_entity.type
_entity.pdbx_description
1 polymer 'CETUXIMAB FAB LIGHT CHAIN'
2 polymer 'CETUXIMAB FAB HEAVY CHAIN'
3 polymer 'CETUXIMAB FAB HEAVY CHAIN'
4 polymer 'CQFDA(PH)2STRRLKC PEPTIDE'
5 non-polymer 'PHOSPHATE ION'
6 non-polymer MESO-ERYTHRITOL
7 water water
#
loop_
_entity_poly.entity_id
_entity_poly.type
_entity_poly.pdbx_seq_one_letter_code
_entity_poly.pdbx_strand_id
1 'polypeptide(L)'
;DILLTQSPVILSVSPGERVSFSCRASQSIGTNIHWYQQRTNGSPRLLIKYASESISGIPSRFSGSGSGTDFTLSINSVES
EDIADYYCQQNNNWPTTFGAGTKLELKRTVAAPSVFIFPPSDEQLKSGTASVVCLLNNFYPREAKVQWKVDNALQSGNSQ
ESVTEQDSKDSTYSLSSTLTLSKADYEKHKVYACEVTHQGLSSPVTKSFNRGA
;
A,C
2 'polypeptide(L)'
;(PCA)VQLKQSGPGLVQPSQSLSITCTVSGFSLTNYGVHWVRQSPGKGLEWLGVIWSGGNTDYNTPFTSRLSINKDNSKS
QVFFKMNSLQSNDTAIYYCARALTYYDYEFAYWGQGTLVTVSAASTKGPSVFPLAPSSKSTSGGTAALGCLVKDYFPEPV
TVSWNSGALTSGVHTFPAVLQSSGLYSLSSVVTVPSSSLGTQTYICNVNHKPSNTKVDKRVEPKS
;
B
3 'polypeptide(L)'
;QVQLKQSGPGLVQPSQSLSITCTVSGFSLTNYGVHWVRQSPGKGLEWLGVIWSGGNTDYNTPFTSRLSINKDNSKSQVFF
KMNSLQSNDTAIYYCARALTYYDYEFAYWGQGTLVTVSAASTKGPSVFPLAPSSKSTSGGTAALGCLVKDYFPEPVTVSW
NSGALTSGVHTFPAVLQSSGLYSLSSVVTVPSSSLGTQTYICNVNHKPSNTKVDKRVEPKS
;
D
4 'polypeptide(L)' CQFD(2GX)STRRLKC E,F
#
# COMPACT_ATOMS: atom_id res chain seq x y z
N ASP A 1 13.47 -29.34 1.78
CA ASP A 1 12.28 -28.95 2.56
C ASP A 1 11.22 -28.29 1.69
N ILE A 2 9.97 -28.31 2.15
CA ILE A 2 8.88 -27.62 1.45
C ILE A 2 9.03 -26.10 1.55
N LEU A 3 9.01 -25.43 0.41
CA LEU A 3 9.03 -23.98 0.41
C LEU A 3 7.60 -23.44 0.38
N LEU A 4 7.27 -22.62 1.38
CA LEU A 4 5.97 -21.96 1.41
C LEU A 4 6.15 -20.52 1.01
N THR A 5 5.36 -20.08 0.05
CA THR A 5 5.45 -18.73 -0.47
C THR A 5 4.17 -17.98 -0.15
N GLN A 6 4.30 -16.86 0.58
CA GLN A 6 3.15 -16.08 0.99
C GLN A 6 3.08 -14.77 0.22
N SER A 7 1.92 -14.48 -0.35
CA SER A 7 1.74 -13.30 -1.19
C SER A 7 0.39 -12.61 -0.92
N PRO A 8 0.37 -11.29 -1.04
CA PRO A 8 1.54 -10.44 -1.25
C PRO A 8 2.31 -10.31 0.06
N VAL A 9 3.33 -9.48 0.10
CA VAL A 9 4.06 -9.27 1.34
C VAL A 9 3.31 -8.34 2.28
N ILE A 10 2.69 -7.30 1.71
CA ILE A 10 1.89 -6.36 2.48
C ILE A 10 0.49 -6.25 1.90
N LEU A 11 -0.50 -6.24 2.79
CA LEU A 11 -1.88 -5.98 2.42
C LEU A 11 -2.40 -4.74 3.15
N SER A 12 -3.10 -3.87 2.43
CA SER A 12 -3.68 -2.68 3.02
C SER A 12 -5.17 -2.58 2.71
N VAL A 13 -5.98 -2.57 3.77
CA VAL A 13 -7.43 -2.57 3.60
C VAL A 13 -8.10 -1.59 4.56
N SER A 14 -9.37 -1.28 4.32
CA SER A 14 -10.14 -0.45 5.24
C SER A 14 -11.02 -1.35 6.10
N PRO A 15 -11.32 -0.93 7.34
CA PRO A 15 -12.14 -1.77 8.23
C PRO A 15 -13.49 -2.12 7.62
N GLY A 16 -13.98 -3.32 7.92
CA GLY A 16 -15.22 -3.79 7.32
C GLY A 16 -15.01 -4.58 6.05
N GLU A 17 -13.93 -4.28 5.32
CA GLU A 17 -13.61 -5.00 4.09
C GLU A 17 -13.28 -6.47 4.36
N ARG A 18 -13.40 -7.28 3.32
CA ARG A 18 -12.97 -8.67 3.33
C ARG A 18 -11.50 -8.72 2.91
N VAL A 19 -10.73 -9.66 3.47
CA VAL A 19 -9.33 -9.77 3.06
C VAL A 19 -8.85 -11.22 3.02
N SER A 20 -8.00 -11.54 2.04
CA SER A 20 -7.47 -12.89 1.87
C SER A 20 -5.95 -12.97 1.82
N PHE A 21 -5.38 -13.92 2.55
CA PHE A 21 -3.96 -14.18 2.48
C PHE A 21 -3.72 -15.47 1.71
N SER A 22 -2.71 -15.45 0.85
CA SER A 22 -2.36 -16.61 0.03
CA SER A 22 -2.38 -16.63 0.07
C SER A 22 -1.13 -17.32 0.57
N CYS A 23 -1.19 -18.65 0.62
CA CYS A 23 -0.02 -19.48 0.95
C CYS A 23 0.13 -20.55 -0.11
N ARG A 24 1.23 -20.47 -0.87
CA ARG A 24 1.51 -21.47 -1.89
C ARG A 24 2.67 -22.37 -1.50
N ALA A 25 2.45 -23.67 -1.64
CA ALA A 25 3.47 -24.68 -1.29
C ALA A 25 4.20 -25.23 -2.52
N SER A 26 5.50 -25.50 -2.37
CA SER A 26 6.35 -25.97 -3.47
C SER A 26 6.03 -27.38 -4.01
N GLN A 27 5.22 -28.12 -3.29
CA GLN A 27 4.56 -29.34 -3.74
C GLN A 27 3.33 -29.65 -2.92
N SER A 28 2.48 -30.56 -3.41
CA SER A 28 1.24 -30.85 -2.72
C SER A 28 1.48 -31.21 -1.25
N ILE A 29 0.65 -30.67 -0.37
CA ILE A 29 0.76 -30.97 1.06
C ILE A 29 -0.59 -31.35 1.62
N GLY A 30 -1.51 -31.73 0.73
CA GLY A 30 -2.86 -32.09 1.10
C GLY A 30 -3.58 -30.90 1.72
N THR A 31 -3.98 -31.06 2.97
CA THR A 31 -4.57 -29.94 3.73
C THR A 31 -3.75 -29.69 4.99
N ASN A 32 -2.48 -30.10 4.96
CA ASN A 32 -1.64 -30.00 6.14
C ASN A 32 -1.00 -28.62 6.28
N ILE A 33 -1.83 -27.64 6.58
CA ILE A 33 -1.35 -26.28 6.70
C ILE A 33 -2.04 -25.63 7.90
N HIS A 34 -1.27 -24.91 8.70
CA HIS A 34 -1.81 -24.17 9.84
C HIS A 34 -1.52 -22.68 9.66
N TRP A 35 -2.40 -21.83 10.16
CA TRP A 35 -2.20 -20.39 10.09
C TRP A 35 -2.01 -19.74 11.46
N TYR A 36 -1.10 -18.78 11.53
CA TYR A 36 -0.83 -18.06 12.77
C TYR A 36 -0.96 -16.55 12.62
N GLN A 37 -1.34 -15.89 13.71
CA GLN A 37 -1.35 -14.44 13.80
C GLN A 37 -0.25 -14.01 14.75
N GLN A 38 0.53 -13.00 14.36
CA GLN A 38 1.42 -12.39 15.33
C GLN A 38 1.16 -10.89 15.45
N ARG A 39 0.57 -10.49 16.57
CA ARG A 39 0.33 -9.07 16.87
C ARG A 39 1.57 -8.41 17.47
N THR A 40 1.54 -7.08 17.55
CA THR A 40 2.68 -6.31 18.04
C THR A 40 3.13 -6.78 19.41
N ASN A 41 4.41 -7.14 19.50
CA ASN A 41 5.05 -7.65 20.72
C ASN A 41 4.46 -8.93 21.29
N GLY A 42 3.84 -9.73 20.42
CA GLY A 42 3.24 -10.98 20.84
C GLY A 42 3.99 -12.20 20.36
N SER A 43 3.55 -13.37 20.83
CA SER A 43 4.00 -14.64 20.28
C SER A 43 2.97 -15.01 19.24
N PRO A 44 3.33 -15.93 18.32
CA PRO A 44 2.34 -16.42 17.35
C PRO A 44 1.13 -17.00 18.04
N ARG A 45 -0.01 -16.79 17.44
CA ARG A 45 -1.24 -17.34 17.90
C ARG A 45 -1.87 -18.17 16.79
N LEU A 46 -2.25 -19.40 17.11
CA LEU A 46 -2.83 -20.34 16.15
C LEU A 46 -4.25 -19.93 15.75
N LEU A 47 -4.48 -19.69 14.46
CA LEU A 47 -5.80 -19.22 13.99
C LEU A 47 -6.66 -20.34 13.40
N ILE A 48 -6.06 -21.08 12.49
CA ILE A 48 -6.75 -22.11 11.73
C ILE A 48 -5.81 -23.31 11.68
N LYS A 49 -6.33 -24.52 11.86
CA LYS A 49 -5.52 -25.72 11.68
C LYS A 49 -6.06 -26.61 10.54
N TYR A 50 -5.17 -27.36 9.91
CA TYR A 50 -5.51 -28.21 8.77
C TYR A 50 -6.38 -27.48 7.74
N ALA A 51 -5.86 -26.37 7.25
CA ALA A 51 -6.47 -25.58 6.17
C ALA A 51 -7.76 -24.83 6.53
N SER A 52 -8.69 -25.50 7.20
CA SER A 52 -10.05 -24.97 7.34
C SER A 52 -10.70 -25.17 8.71
N GLU A 53 -10.02 -25.89 9.61
CA GLU A 53 -10.61 -26.23 10.91
C GLU A 53 -10.45 -25.11 11.93
N SER A 54 -11.54 -24.82 12.64
CA SER A 54 -11.55 -23.71 13.58
C SER A 54 -10.82 -24.02 14.88
N ILE A 55 -10.45 -22.96 15.58
CA ILE A 55 -9.70 -23.05 16.82
C ILE A 55 -10.54 -22.38 17.90
N SER A 56 -10.61 -23.00 19.07
CA SER A 56 -11.35 -22.45 20.19
C SER A 56 -10.83 -21.06 20.57
N GLY A 57 -11.74 -20.10 20.72
CA GLY A 57 -11.38 -18.76 21.15
C GLY A 57 -11.04 -17.80 20.03
N ILE A 58 -11.11 -18.27 18.79
CA ILE A 58 -10.81 -17.43 17.65
C ILE A 58 -12.09 -16.92 17.01
N PRO A 59 -12.21 -15.60 16.84
CA PRO A 59 -13.34 -14.95 16.17
C PRO A 59 -13.75 -15.66 14.86
N SER A 60 -15.06 -15.73 14.63
CA SER A 60 -15.60 -16.48 13.50
C SER A 60 -15.27 -15.82 12.15
N ARG A 61 -14.82 -14.57 12.20
CA ARG A 61 -14.48 -13.87 10.97
C ARG A 61 -13.20 -14.42 10.33
N PHE A 62 -12.47 -15.25 11.06
CA PHE A 62 -11.31 -15.95 10.50
C PHE A 62 -11.70 -17.31 9.95
N SER A 63 -11.35 -17.57 8.69
CA SER A 63 -11.59 -18.86 8.06
C SER A 63 -10.50 -19.20 7.02
N GLY A 64 -10.33 -20.49 6.77
CA GLY A 64 -9.36 -20.91 5.79
C GLY A 64 -9.94 -21.90 4.81
N SER A 65 -9.31 -21.97 3.63
CA SER A 65 -9.68 -22.95 2.61
C SER A 65 -8.46 -23.31 1.79
N GLY A 66 -8.63 -24.25 0.87
CA GLY A 66 -7.56 -24.71 0.00
C GLY A 66 -7.13 -26.14 0.23
N SER A 67 -6.43 -26.70 -0.75
CA SER A 67 -5.83 -28.03 -0.66
C SER A 67 -4.89 -28.25 -1.84
N GLY A 68 -3.84 -29.04 -1.61
CA GLY A 68 -2.85 -29.24 -2.64
C GLY A 68 -1.71 -28.28 -2.44
N THR A 69 -1.67 -27.22 -3.24
CA THR A 69 -0.58 -26.26 -3.14
C THR A 69 -1.04 -24.82 -2.93
N ASP A 70 -2.33 -24.57 -3.08
CA ASP A 70 -2.86 -23.22 -3.02
C ASP A 70 -3.82 -23.07 -1.83
N PHE A 71 -3.47 -22.17 -0.92
CA PHE A 71 -4.20 -22.03 0.34
C PHE A 71 -4.56 -20.60 0.64
N THR A 72 -5.68 -20.42 1.33
CA THR A 72 -6.20 -19.08 1.60
C THR A 72 -6.74 -18.93 3.01
N LEU A 73 -6.27 -17.90 3.69
CA LEU A 73 -6.82 -17.51 4.98
C LEU A 73 -7.62 -16.25 4.75
N SER A 74 -8.85 -16.20 5.29
CA SER A 74 -9.72 -15.07 5.02
C SER A 74 -10.25 -14.41 6.28
N ILE A 75 -10.34 -13.08 6.25
CA ILE A 75 -11.02 -12.34 7.29
C ILE A 75 -12.20 -11.64 6.63
N ASN A 76 -13.43 -12.01 7.03
CA ASN A 76 -14.60 -11.55 6.27
C ASN A 76 -14.92 -10.07 6.44
N SER A 77 -14.73 -9.57 7.66
CA SER A 77 -14.87 -8.15 7.94
C SER A 77 -13.75 -7.73 8.89
N VAL A 78 -12.73 -7.08 8.35
CA VAL A 78 -11.51 -6.77 9.11
C VAL A 78 -11.79 -5.77 10.19
N GLU A 79 -11.26 -6.03 11.39
CA GLU A 79 -11.29 -5.07 12.47
C GLU A 79 -9.90 -4.51 12.72
N SER A 80 -9.84 -3.35 13.37
CA SER A 80 -8.56 -2.70 13.64
C SER A 80 -7.64 -3.59 14.47
N GLU A 81 -8.22 -4.43 15.31
CA GLU A 81 -7.47 -5.35 16.14
CA GLU A 81 -7.44 -5.34 16.15
C GLU A 81 -6.79 -6.44 15.31
N ASP A 82 -7.13 -6.54 14.04
CA ASP A 82 -6.59 -7.59 13.19
C ASP A 82 -5.25 -7.18 12.62
N ILE A 83 -4.86 -5.93 12.87
CA ILE A 83 -3.55 -5.44 12.49
C ILE A 83 -2.48 -6.36 13.07
N ALA A 84 -1.75 -7.04 12.19
CA ALA A 84 -0.73 -8.04 12.58
C ALA A 84 -0.02 -8.66 11.37
N ASP A 85 0.82 -9.65 11.62
CA ASP A 85 1.37 -10.47 10.56
C ASP A 85 0.74 -11.86 10.57
N TYR A 86 0.65 -12.47 9.41
CA TYR A 86 -0.01 -13.76 9.30
C TYR A 86 0.91 -14.76 8.63
N TYR A 87 1.08 -15.91 9.26
CA TYR A 87 2.03 -16.91 8.78
C TYR A 87 1.36 -18.23 8.51
N CYS A 88 1.86 -18.94 7.51
CA CYS A 88 1.39 -20.28 7.28
C CYS A 88 2.49 -21.26 7.62
N GLN A 89 2.10 -22.49 7.94
CA GLN A 89 3.00 -23.55 8.35
C GLN A 89 2.51 -24.82 7.69
N GLN A 90 3.40 -25.58 7.04
CA GLN A 90 3.02 -26.90 6.57
C GLN A 90 3.60 -27.99 7.46
N ASN A 91 2.89 -29.12 7.56
CA ASN A 91 3.43 -30.27 8.25
C ASN A 91 3.08 -31.60 7.58
N ASN A 92 3.03 -31.57 6.26
CA ASN A 92 2.85 -32.79 5.50
C ASN A 92 4.20 -33.46 5.38
N ASN A 93 5.25 -32.65 5.42
CA ASN A 93 6.60 -33.13 5.21
C ASN A 93 7.53 -32.64 6.30
N TRP A 94 8.27 -33.57 6.89
CA TRP A 94 9.27 -33.23 7.91
C TRP A 94 10.49 -32.59 7.24
N PRO A 95 11.01 -31.49 7.82
CA PRO A 95 10.49 -30.84 9.03
C PRO A 95 9.40 -29.81 8.71
N THR A 96 8.58 -29.52 9.70
CA THR A 96 7.58 -28.49 9.54
C THR A 96 8.27 -27.15 9.21
N THR A 97 7.69 -26.42 8.27
CA THR A 97 8.28 -25.20 7.79
C THR A 97 7.24 -24.09 7.77
N PHE A 98 7.70 -22.84 7.86
CA PHE A 98 6.81 -21.69 7.93
C PHE A 98 7.02 -20.78 6.73
N GLY A 99 5.95 -20.12 6.30
CA GLY A 99 6.06 -19.07 5.30
C GLY A 99 6.71 -17.83 5.88
N ALA A 100 7.04 -16.87 5.01
CA ALA A 100 7.70 -15.65 5.46
C ALA A 100 6.70 -14.61 6.02
N GLY A 101 5.42 -14.89 5.85
CA GLY A 101 4.39 -14.02 6.40
C GLY A 101 3.88 -12.92 5.50
N THR A 102 2.69 -12.41 5.83
CA THR A 102 2.08 -11.29 5.14
C THR A 102 1.68 -10.25 6.18
N LYS A 103 2.06 -9.00 5.96
CA LYS A 103 1.72 -7.91 6.87
C LYS A 103 0.35 -7.31 6.55
N LEU A 104 -0.53 -7.24 7.54
CA LEU A 104 -1.83 -6.59 7.36
C LEU A 104 -1.91 -5.18 7.95
N GLU A 105 -2.11 -4.19 7.08
CA GLU A 105 -2.21 -2.79 7.52
C GLU A 105 -3.63 -2.28 7.33
N LEU A 106 -4.06 -1.42 8.23
CA LEU A 106 -5.37 -0.81 8.13
C LEU A 106 -5.35 0.65 7.70
N LYS A 107 -6.25 0.99 6.79
CA LYS A 107 -6.45 2.38 6.40
C LYS A 107 -7.37 3.08 7.39
N ARG A 108 -7.23 4.39 7.47
CA ARG A 108 -8.17 5.19 8.23
C ARG A 108 -8.13 6.60 7.68
N THR A 109 -8.98 7.46 8.22
CA THR A 109 -8.99 8.86 7.81
C THR A 109 -7.67 9.51 8.21
N VAL A 110 -7.27 10.56 7.48
CA VAL A 110 -6.09 11.33 7.85
C VAL A 110 -6.22 11.93 9.26
N ALA A 111 -5.17 11.80 10.07
CA ALA A 111 -5.16 12.43 11.39
C ALA A 111 -3.84 13.19 11.62
N ALA A 112 -3.94 14.47 11.93
CA ALA A 112 -2.76 15.30 12.18
C ALA A 112 -2.10 14.92 13.51
N PRO A 113 -0.77 14.94 13.57
CA PRO A 113 -0.08 14.66 14.84
C PRO A 113 -0.25 15.78 15.85
N SER A 114 -0.32 15.42 17.13
CA SER A 114 -0.10 16.38 18.19
C SER A 114 1.41 16.40 18.45
N VAL A 115 2.00 17.59 18.52
CA VAL A 115 3.45 17.73 18.66
C VAL A 115 3.88 18.29 20.02
N PHE A 116 4.81 17.58 20.65
CA PHE A 116 5.37 17.98 21.93
C PHE A 116 6.91 17.92 21.85
N ILE A 117 7.59 18.89 22.46
CA ILE A 117 9.04 18.91 22.50
C ILE A 117 9.49 18.86 23.97
N PHE A 118 10.56 18.13 24.25
CA PHE A 118 11.11 18.01 25.59
C PHE A 118 12.59 18.34 25.61
N PRO A 119 12.99 19.33 26.44
CA PRO A 119 14.40 19.69 26.70
C PRO A 119 15.08 18.54 27.39
N PRO A 120 16.41 18.49 27.35
CA PRO A 120 17.12 17.49 28.16
C PRO A 120 16.90 17.79 29.63
N SER A 121 16.96 16.75 30.45
CA SER A 121 16.82 16.93 31.88
C SER A 121 18.15 17.42 32.45
N ASP A 122 18.10 18.11 33.58
CA ASP A 122 19.33 18.50 34.28
C ASP A 122 20.10 17.25 34.65
N GLU A 123 19.36 16.19 34.97
CA GLU A 123 19.95 14.90 35.33
C GLU A 123 20.87 14.36 34.23
N GLN A 124 20.42 14.45 32.98
CA GLN A 124 21.22 13.95 31.87
C GLN A 124 22.40 14.86 31.56
N LEU A 125 22.18 16.17 31.69
CA LEU A 125 23.25 17.13 31.44
C LEU A 125 24.48 16.88 32.30
N LYS A 126 24.27 16.35 33.51
CA LYS A 126 25.38 15.94 34.37
C LYS A 126 26.32 14.91 33.70
N SER A 127 25.79 14.09 32.81
CA SER A 127 26.57 13.06 32.13
C SER A 127 27.35 13.58 30.90
N GLY A 128 27.11 14.83 30.52
CA GLY A 128 27.85 15.40 29.39
C GLY A 128 27.20 15.15 28.04
N THR A 129 25.99 14.59 28.05
CA THR A 129 25.20 14.40 26.84
C THR A 129 23.86 15.10 27.01
N ALA A 130 23.36 15.67 25.92
CA ALA A 130 22.02 16.28 25.92
C ALA A 130 21.10 15.63 24.88
N SER A 131 19.94 15.14 25.32
CA SER A 131 18.96 14.57 24.38
C SER A 131 17.74 15.46 24.30
N VAL A 132 17.47 15.98 23.10
CA VAL A 132 16.25 16.74 22.86
C VAL A 132 15.23 15.83 22.14
N VAL A 133 14.01 15.81 22.64
CA VAL A 133 13.05 14.84 22.13
C VAL A 133 11.80 15.49 21.57
N CYS A 134 11.41 15.04 20.38
CA CYS A 134 10.23 15.57 19.76
C CYS A 134 9.23 14.42 19.53
N LEU A 135 8.03 14.59 20.08
CA LEU A 135 6.99 13.59 20.03
C LEU A 135 5.91 14.00 19.03
N LEU A 136 5.65 13.12 18.07
CA LEU A 136 4.51 13.28 17.16
C LEU A 136 3.48 12.23 17.52
N ASN A 137 2.34 12.66 18.02
CA ASN A 137 1.41 11.71 18.63
C ASN A 137 0.12 11.44 17.85
N ASN A 138 -0.20 10.15 17.70
CA ASN A 138 -1.47 9.69 17.12
C ASN A 138 -1.86 10.31 15.77
N PHE A 139 -1.12 9.96 14.72
CA PHE A 139 -1.33 10.56 13.41
C PHE A 139 -1.43 9.48 12.33
N TYR A 140 -1.94 9.87 11.17
CA TYR A 140 -2.11 8.97 10.04
C TYR A 140 -2.18 9.79 8.74
N PRO A 141 -1.51 9.33 7.68
CA PRO A 141 -0.73 8.10 7.50
C PRO A 141 0.67 8.28 8.06
N ARG A 142 1.50 7.25 7.95
CA ARG A 142 2.81 7.18 8.63
C ARG A 142 3.82 8.24 8.19
N GLU A 143 3.75 8.65 6.92
CA GLU A 143 4.69 9.63 6.40
C GLU A 143 4.70 10.94 7.19
N ALA A 144 5.90 11.37 7.60
CA ALA A 144 6.09 12.62 8.33
C ALA A 144 7.55 13.12 8.24
N LYS A 145 7.73 14.43 8.21
CA LYS A 145 9.07 15.01 8.26
CA LYS A 145 9.08 15.00 8.26
C LYS A 145 9.27 15.70 9.59
N VAL A 146 10.42 15.48 10.19
CA VAL A 146 10.82 16.18 11.39
C VAL A 146 12.12 16.87 11.07
N GLN A 147 12.11 18.19 11.15
CA GLN A 147 13.29 18.98 10.89
C GLN A 147 13.73 19.70 12.16
N TRP A 148 14.98 19.52 12.53
CA TRP A 148 15.52 20.13 13.73
C TRP A 148 16.30 21.39 13.37
N LYS A 149 16.15 22.41 14.19
CA LYS A 149 16.93 23.62 14.03
C LYS A 149 17.45 24.07 15.38
N VAL A 150 18.70 24.47 15.40
CA VAL A 150 19.29 25.03 16.59
C VAL A 150 19.79 26.42 16.23
N ASP A 151 19.21 27.45 16.86
CA ASP A 151 19.53 28.83 16.53
C ASP A 151 19.49 29.06 15.02
N ASN A 152 18.46 28.52 14.39
CA ASN A 152 18.28 28.58 12.93
C ASN A 152 19.23 27.78 12.07
N ALA A 153 20.14 27.03 12.70
CA ALA A 153 20.97 26.10 11.96
C ALA A 153 20.22 24.77 11.77
N LEU A 154 20.04 24.37 10.51
CA LEU A 154 19.45 23.08 10.20
C LEU A 154 20.34 21.95 10.70
N GLN A 155 19.77 21.06 11.52
CA GLN A 155 20.53 19.93 12.04
C GLN A 155 20.45 18.76 11.08
N SER A 156 21.55 18.03 10.96
CA SER A 156 21.57 16.90 10.04
C SER A 156 22.55 15.81 10.47
N GLY A 157 22.05 14.59 10.51
CA GLY A 157 22.87 13.44 10.87
C GLY A 157 22.94 13.17 12.35
N ASN A 158 22.41 14.08 13.18
CA ASN A 158 22.50 13.94 14.63
C ASN A 158 21.19 13.62 15.33
N SER A 159 20.19 13.19 14.58
CA SER A 159 18.94 12.78 15.18
C SER A 159 18.56 11.36 14.74
N GLN A 160 17.67 10.73 15.50
CA GLN A 160 17.18 9.41 15.17
C GLN A 160 15.67 9.30 15.46
N GLU A 161 14.97 8.62 14.56
CA GLU A 161 13.52 8.43 14.67
C GLU A 161 13.16 6.99 15.00
N SER A 162 12.00 6.83 15.65
CA SER A 162 11.45 5.54 15.98
C SER A 162 9.94 5.67 15.88
N VAL A 163 9.29 4.69 15.27
CA VAL A 163 7.86 4.74 15.02
C VAL A 163 7.15 3.53 15.60
N THR A 164 6.06 3.77 16.32
CA THR A 164 5.25 2.67 16.84
C THR A 164 4.62 1.93 15.67
N GLU A 165 4.16 0.72 15.93
CA GLU A 165 3.33 0.03 14.97
C GLU A 165 1.93 0.62 15.10
N GLN A 166 1.03 0.24 14.21
CA GLN A 166 -0.33 0.79 14.26
C GLN A 166 -1.02 0.45 15.57
N ASP A 167 -1.70 1.44 16.13
CA ASP A 167 -2.46 1.23 17.34
C ASP A 167 -3.61 0.29 17.03
N SER A 168 -3.84 -0.67 17.92
CA SER A 168 -4.85 -1.70 17.69
C SER A 168 -6.27 -1.11 17.74
N LYS A 169 -6.42 0.04 18.37
CA LYS A 169 -7.74 0.62 18.56
C LYS A 169 -8.09 1.75 17.60
N ASP A 170 -7.19 2.69 17.38
CA ASP A 170 -7.52 3.82 16.52
C ASP A 170 -6.68 3.88 15.24
N SER A 171 -5.84 2.86 15.04
CA SER A 171 -5.08 2.70 13.80
C SER A 171 -4.02 3.77 13.53
N THR A 172 -3.70 4.61 14.52
CA THR A 172 -2.74 5.69 14.31
C THR A 172 -1.30 5.25 14.60
N TYR A 173 -0.36 6.10 14.20
CA TYR A 173 1.04 5.91 14.51
C TYR A 173 1.50 7.00 15.48
N SER A 174 2.60 6.74 16.16
CA SER A 174 3.27 7.79 16.92
C SER A 174 4.76 7.69 16.65
N LEU A 175 5.44 8.82 16.72
CA LEU A 175 6.84 8.89 16.34
C LEU A 175 7.61 9.73 17.35
N SER A 176 8.80 9.27 17.71
CA SER A 176 9.72 10.07 18.47
C SER A 176 10.94 10.41 17.62
N SER A 177 11.34 11.67 17.63
CA SER A 177 12.62 12.09 17.08
C SER A 177 13.50 12.58 18.23
N THR A 178 14.71 12.04 18.32
CA THR A 178 15.65 12.42 19.36
C THR A 178 16.89 13.06 18.74
N LEU A 179 17.13 14.31 19.09
CA LEU A 179 18.31 15.04 18.68
C LEU A 179 19.34 14.89 19.80
N THR A 180 20.53 14.40 19.45
CA THR A 180 21.57 14.13 20.45
C THR A 180 22.82 14.98 20.21
N LEU A 181 23.19 15.78 21.20
CA LEU A 181 24.39 16.60 21.12
C LEU A 181 25.20 16.57 22.41
N SER A 182 26.44 17.06 22.33
CA SER A 182 27.29 17.13 23.51
C SER A 182 26.75 18.18 24.46
N LYS A 183 27.10 18.07 25.72
CA LYS A 183 26.69 19.10 26.68
C LYS A 183 27.30 20.42 26.24
N ALA A 184 28.52 20.35 25.75
CA ALA A 184 29.24 21.52 25.31
C ALA A 184 28.44 22.28 24.25
N ASP A 185 28.11 21.58 23.16
CA ASP A 185 27.34 22.20 22.07
C ASP A 185 25.98 22.69 22.58
N TYR A 186 25.27 21.87 23.34
CA TYR A 186 23.98 22.28 23.89
C TYR A 186 24.05 23.60 24.64
N GLU A 187 25.08 23.77 25.47
CA GLU A 187 25.23 25.01 26.26
C GLU A 187 25.66 26.21 25.42
N LYS A 188 26.19 25.95 24.23
CA LYS A 188 26.59 27.02 23.33
C LYS A 188 25.43 27.62 22.49
N HIS A 189 24.20 27.18 22.73
CA HIS A 189 23.08 27.60 21.88
C HIS A 189 21.79 27.88 22.66
N LYS A 190 20.86 28.61 22.05
CA LYS A 190 19.65 29.03 22.75
C LYS A 190 18.34 28.40 22.25
N VAL A 191 18.02 28.57 20.97
CA VAL A 191 16.71 28.21 20.46
C VAL A 191 16.69 26.80 19.85
N TYR A 192 15.90 25.92 20.46
CA TYR A 192 15.79 24.53 20.00
C TYR A 192 14.40 24.29 19.43
N ALA A 193 14.35 23.96 18.15
CA ALA A 193 13.07 23.86 17.46
C ALA A 193 12.91 22.57 16.66
N CYS A 194 11.68 22.09 16.65
CA CYS A 194 11.32 20.85 15.99
C CYS A 194 10.20 21.22 15.04
N GLU A 195 10.43 21.04 13.74
CA GLU A 195 9.39 21.36 12.76
C GLU A 195 8.77 20.10 12.15
N VAL A 196 7.44 20.00 12.26
CA VAL A 196 6.73 18.81 11.83
C VAL A 196 5.91 19.10 10.58
N THR A 197 6.09 18.24 9.57
CA THR A 197 5.36 18.32 8.32
C THR A 197 4.57 17.03 8.17
N HIS A 198 3.29 17.16 7.87
CA HIS A 198 2.41 16.00 7.74
C HIS A 198 1.19 16.37 6.92
N GLN A 199 0.62 15.37 6.25
CA GLN A 199 -0.53 15.58 5.38
C GLN A 199 -1.74 16.22 6.06
N GLY A 200 -1.95 15.90 7.34
CA GLY A 200 -3.07 16.44 8.08
C GLY A 200 -2.89 17.87 8.58
N LEU A 201 -1.73 18.45 8.33
CA LEU A 201 -1.45 19.85 8.70
C LEU A 201 -1.47 20.74 7.46
N SER A 202 -2.12 21.90 7.54
CA SER A 202 -2.14 22.81 6.39
C SER A 202 -0.82 23.57 6.30
N SER A 203 -0.13 23.66 7.43
CA SER A 203 1.17 24.31 7.51
C SER A 203 2.01 23.49 8.48
N PRO A 204 3.34 23.55 8.35
CA PRO A 204 4.14 22.83 9.34
C PRO A 204 3.96 23.46 10.72
N VAL A 205 4.04 22.61 11.74
CA VAL A 205 3.88 23.04 13.12
C VAL A 205 5.25 23.02 13.78
N THR A 206 5.63 24.11 14.40
CA THR A 206 6.89 24.13 15.11
C THR A 206 6.70 24.22 16.61
N LYS A 207 7.43 23.37 17.33
CA LYS A 207 7.48 23.45 18.77
C LYS A 207 8.91 23.78 19.14
N SER A 208 9.08 24.71 20.06
CA SER A 208 10.44 25.11 20.43
C SER A 208 10.53 25.56 21.86
N PHE A 209 11.76 25.54 22.39
CA PHE A 209 12.03 26.13 23.68
C PHE A 209 13.35 26.88 23.64
N ASN A 210 13.53 27.80 24.58
CA ASN A 210 14.80 28.46 24.78
C ASN A 210 15.48 27.77 25.94
N ARG A 211 16.74 27.37 25.74
CA ARG A 211 17.48 26.71 26.81
C ARG A 211 17.47 27.55 28.08
N GLY A 212 16.95 26.97 29.16
CA GLY A 212 16.87 27.66 30.44
C GLY A 212 15.60 28.48 30.61
N ALA A 213 14.58 28.17 29.81
CA ALA A 213 13.34 28.96 29.72
C ALA A 213 13.59 30.40 29.21
N VAL B 2 -3.33 -23.72 30.38
CA VAL B 2 -2.05 -24.16 29.85
C VAL B 2 -1.12 -22.98 29.65
N GLN B 3 0.07 -23.06 30.21
CA GLN B 3 1.04 -21.97 30.08
C GLN B 3 2.46 -22.49 29.93
N LEU B 4 3.28 -21.72 29.22
CA LEU B 4 4.69 -21.99 29.12
C LEU B 4 5.42 -20.70 29.44
N LYS B 5 6.30 -20.75 30.45
CA LYS B 5 7.04 -19.56 30.87
C LYS B 5 8.53 -19.82 30.74
N GLN B 6 9.22 -18.96 30.01
CA GLN B 6 10.62 -19.19 29.69
C GLN B 6 11.51 -18.32 30.56
N SER B 7 12.75 -18.78 30.74
CA SER B 7 13.78 -17.97 31.38
C SER B 7 14.07 -16.68 30.59
N GLY B 8 14.70 -15.72 31.28
CA GLY B 8 14.90 -14.38 30.74
C GLY B 8 15.89 -14.20 29.60
N PRO B 9 15.86 -13.03 28.97
CA PRO B 9 16.71 -12.71 27.82
C PRO B 9 18.17 -12.63 28.22
N GLY B 10 19.05 -12.98 27.29
CA GLY B 10 20.46 -13.05 27.61
C GLY B 10 21.42 -12.80 26.46
N LEU B 11 22.62 -12.38 26.84
CA LEU B 11 23.76 -12.21 25.96
C LEU B 11 24.64 -13.44 25.99
N VAL B 12 25.02 -13.95 24.82
CA VAL B 12 25.95 -15.07 24.73
C VAL B 12 27.12 -14.75 23.78
N GLN B 13 28.35 -15.00 24.24
CA GLN B 13 29.54 -14.71 23.42
CA GLN B 13 29.55 -14.72 23.44
C GLN B 13 29.65 -15.67 22.23
N PRO B 14 30.24 -15.18 21.12
CA PRO B 14 30.42 -16.04 19.94
C PRO B 14 31.18 -17.31 20.30
N SER B 15 30.75 -18.44 19.72
CA SER B 15 31.29 -19.78 20.00
C SER B 15 30.89 -20.35 21.37
N GLN B 16 30.25 -19.55 22.20
CA GLN B 16 29.75 -20.03 23.48
C GLN B 16 28.40 -20.74 23.37
N SER B 17 27.87 -21.16 24.52
CA SER B 17 26.70 -22.02 24.58
C SER B 17 25.45 -21.28 25.10
N LEU B 18 24.29 -21.74 24.69
CA LEU B 18 23.02 -21.12 25.06
C LEU B 18 22.16 -22.07 25.92
N SER B 19 21.46 -21.53 26.92
CA SER B 19 20.59 -22.35 27.76
C SER B 19 19.33 -21.63 28.14
N ILE B 20 18.19 -22.22 27.78
CA ILE B 20 16.89 -21.68 28.17
C ILE B 20 16.08 -22.73 28.88
N THR B 21 15.35 -22.30 29.90
CA THR B 21 14.44 -23.19 30.61
C THR B 21 13.01 -22.80 30.27
N CYS B 22 12.21 -23.80 29.91
CA CYS B 22 10.77 -23.65 29.70
C CYS B 22 10.09 -24.34 30.87
N THR B 23 9.25 -23.60 31.58
CA THR B 23 8.50 -24.14 32.71
C THR B 23 7.01 -24.12 32.38
N VAL B 24 6.39 -25.30 32.39
CA VAL B 24 5.00 -25.38 31.97
C VAL B 24 4.05 -25.60 33.14
N SER B 25 2.78 -25.36 32.88
CA SER B 25 1.74 -25.61 33.87
C SER B 25 0.40 -25.75 33.17
N GLY B 26 -0.51 -26.49 33.78
CA GLY B 26 -1.83 -26.72 33.21
C GLY B 26 -1.85 -27.99 32.39
N PHE B 27 -0.72 -28.70 32.35
CA PHE B 27 -0.59 -30.00 31.70
C PHE B 27 0.69 -30.65 32.20
N SER B 28 0.91 -31.90 31.83
CA SER B 28 2.09 -32.63 32.30
C SER B 28 3.00 -33.06 31.15
N LEU B 29 4.30 -32.92 31.37
CA LEU B 29 5.30 -33.27 30.38
C LEU B 29 5.30 -34.76 30.06
N THR B 30 4.59 -35.57 30.84
CA THR B 30 4.53 -37.01 30.57
C THR B 30 3.45 -37.30 29.54
N ASN B 31 2.62 -36.29 29.28
CA ASN B 31 1.53 -36.43 28.32
C ASN B 31 1.70 -35.63 27.03
N TYR B 32 2.64 -34.68 27.03
CA TYR B 32 2.82 -33.81 25.87
C TYR B 32 4.28 -33.55 25.52
N GLY B 33 4.56 -33.46 24.23
CA GLY B 33 5.87 -33.07 23.76
C GLY B 33 6.02 -31.55 23.76
N VAL B 34 7.23 -31.06 24.01
CA VAL B 34 7.49 -29.64 23.95
C VAL B 34 8.42 -29.32 22.77
N HIS B 35 7.97 -28.40 21.92
CA HIS B 35 8.72 -28.00 20.73
C HIS B 35 9.48 -26.70 20.94
N TRP B 36 10.56 -26.53 20.18
CA TRP B 36 11.33 -25.30 20.16
C TRP B 36 11.37 -24.68 18.76
N VAL B 37 11.04 -23.40 18.71
CA VAL B 37 11.00 -22.64 17.47
C VAL B 37 11.75 -21.35 17.72
N ARG B 38 12.57 -20.93 16.78
CA ARG B 38 13.14 -19.59 16.90
C ARG B 38 12.64 -18.65 15.78
N GLN B 39 12.85 -17.36 15.97
CA GLN B 39 12.41 -16.36 15.00
C GLN B 39 13.50 -15.31 14.81
N SER B 40 14.05 -15.22 13.61
CA SER B 40 15.15 -14.30 13.36
C SER B 40 14.84 -13.36 12.20
N PRO B 41 15.51 -12.19 12.18
CA PRO B 41 15.30 -11.26 11.06
C PRO B 41 15.62 -11.93 9.73
N GLY B 42 16.74 -12.63 9.67
CA GLY B 42 17.15 -13.28 8.44
C GLY B 42 16.35 -14.48 7.98
N LYS B 43 15.91 -15.32 8.91
CA LYS B 43 15.29 -16.61 8.55
C LYS B 43 13.83 -16.76 8.96
N GLY B 44 13.27 -15.77 9.66
CA GLY B 44 11.91 -15.87 10.15
C GLY B 44 11.73 -17.04 11.11
N LEU B 45 10.58 -17.72 11.02
CA LEU B 45 10.27 -18.82 11.93
C LEU B 45 10.92 -20.14 11.49
N GLU B 46 11.71 -20.71 12.39
CA GLU B 46 12.32 -22.01 12.14
C GLU B 46 12.02 -22.93 13.29
N TRP B 47 11.54 -24.13 12.96
CA TRP B 47 11.34 -25.17 13.95
C TRP B 47 12.69 -25.82 14.23
N LEU B 48 13.05 -25.96 15.50
CA LEU B 48 14.38 -26.43 15.87
C LEU B 48 14.38 -27.90 16.31
N GLY B 49 13.44 -28.27 17.16
CA GLY B 49 13.33 -29.63 17.61
C GLY B 49 12.24 -29.83 18.64
N VAL B 50 12.20 -31.05 19.18
CA VAL B 50 11.13 -31.42 20.07
C VAL B 50 11.61 -32.50 21.04
N ILE B 51 11.12 -32.45 22.27
CA ILE B 51 11.25 -33.57 23.19
C ILE B 51 9.85 -34.15 23.46
N TRP B 52 9.69 -35.44 23.20
CA TRP B 52 8.40 -36.08 23.27
C TRP B 52 8.08 -36.51 24.69
N SER B 53 6.81 -36.81 24.96
CA SER B 53 6.36 -37.39 26.23
C SER B 53 7.36 -38.38 26.85
N GLY B 54 7.74 -39.39 26.08
CA GLY B 54 8.60 -40.45 26.59
C GLY B 54 10.10 -40.14 26.64
N GLY B 55 10.48 -38.94 26.22
CA GLY B 55 11.88 -38.52 26.32
C GLY B 55 12.73 -38.59 25.06
N ASN B 56 12.19 -39.14 23.98
CA ASN B 56 12.88 -39.12 22.68
C ASN B 56 13.01 -37.70 22.13
N THR B 57 14.01 -37.47 21.28
CA THR B 57 14.17 -36.14 20.71
C THR B 57 14.36 -36.19 19.20
N ASP B 58 13.85 -35.17 18.53
CA ASP B 58 14.14 -34.95 17.12
C ASP B 58 14.71 -33.56 16.98
N TYR B 59 15.79 -33.43 16.22
CA TYR B 59 16.36 -32.11 15.96
C TYR B 59 16.31 -31.80 14.47
N ASN B 60 15.89 -30.58 14.12
CA ASN B 60 15.90 -30.16 12.72
C ASN B 60 17.32 -30.34 12.20
N THR B 61 17.41 -30.84 10.97
CA THR B 61 18.66 -31.31 10.38
C THR B 61 19.92 -30.44 10.58
N PRO B 62 19.84 -29.12 10.32
CA PRO B 62 21.04 -28.32 10.50
C PRO B 62 21.44 -28.08 11.96
N PHE B 63 20.75 -28.69 12.90
CA PHE B 63 21.02 -28.41 14.30
C PHE B 63 21.38 -29.66 15.09
N THR B 64 21.28 -30.82 14.44
CA THR B 64 21.53 -32.11 15.10
C THR B 64 22.82 -32.16 15.93
N SER B 65 23.87 -31.55 15.40
CA SER B 65 25.20 -31.61 16.02
C SER B 65 25.39 -30.64 17.18
N ARG B 66 24.64 -29.55 17.20
CA ARG B 66 24.88 -28.58 18.26
C ARG B 66 23.68 -28.29 19.13
N LEU B 67 22.76 -29.23 19.19
CA LEU B 67 21.52 -28.99 19.92
C LEU B 67 21.21 -30.16 20.85
N SER B 68 20.86 -29.87 22.10
CA SER B 68 20.33 -30.92 22.96
C SER B 68 19.15 -30.43 23.80
N ILE B 69 18.07 -31.20 23.80
CA ILE B 69 16.90 -30.88 24.60
C ILE B 69 16.72 -31.91 25.70
N ASN B 70 16.51 -31.44 26.93
CA ASN B 70 16.33 -32.33 28.09
C ASN B 70 15.16 -31.87 28.94
N LYS B 71 14.76 -32.69 29.88
CA LYS B 71 13.67 -32.27 30.77
C LYS B 71 13.66 -32.98 32.10
N ASP B 72 12.89 -32.41 33.01
CA ASP B 72 12.63 -32.99 34.30
C ASP B 72 11.12 -32.98 34.45
N ASN B 73 10.50 -34.14 34.28
CA ASN B 73 9.04 -34.26 34.34
C ASN B 73 8.46 -33.77 35.66
N SER B 74 9.12 -34.11 36.76
CA SER B 74 8.57 -33.77 38.08
C SER B 74 8.58 -32.27 38.33
N LYS B 75 9.61 -31.60 37.81
CA LYS B 75 9.74 -30.15 37.97
C LYS B 75 9.01 -29.37 36.86
N SER B 76 8.44 -30.10 35.89
CA SER B 76 7.75 -29.48 34.75
C SER B 76 8.66 -28.53 33.99
N GLN B 77 9.91 -28.92 33.82
CA GLN B 77 10.86 -28.07 33.11
C GLN B 77 11.44 -28.74 31.87
N VAL B 78 11.54 -27.99 30.79
CA VAL B 78 12.23 -28.45 29.59
C VAL B 78 13.49 -27.63 29.44
N PHE B 79 14.60 -28.29 29.13
CA PHE B 79 15.88 -27.60 29.05
C PHE B 79 16.45 -27.58 27.64
N PHE B 80 16.56 -26.37 27.08
CA PHE B 80 17.06 -26.18 25.73
C PHE B 80 18.51 -25.71 25.81
N LYS B 81 19.38 -26.38 25.06
CA LYS B 81 20.77 -25.98 24.99
C LYS B 81 21.32 -26.08 23.58
N MET B 82 21.99 -25.01 23.13
CA MET B 82 22.60 -24.99 21.81
C MET B 82 24.06 -24.53 21.91
N ASN B 83 24.96 -25.30 21.30
CA ASN B 83 26.40 -25.03 21.34
C ASN B 83 26.83 -24.21 20.14
N SER B 84 28.05 -23.66 20.22
CA SER B 84 28.73 -23.07 19.07
C SER B 84 27.98 -21.90 18.44
N LEU B 85 27.46 -21.01 19.28
CA LEU B 85 26.63 -19.92 18.80
C LEU B 85 27.37 -18.91 17.93
N GLN B 86 26.78 -18.54 16.79
CA GLN B 86 27.32 -17.45 15.99
C GLN B 86 26.32 -16.32 15.90
N SER B 87 26.67 -15.26 15.19
CA SER B 87 25.88 -14.04 15.21
C SER B 87 24.46 -14.25 14.67
N ASN B 88 24.33 -14.98 13.58
CA ASN B 88 23.00 -15.20 13.02
C ASN B 88 22.12 -16.13 13.87
N ASP B 89 22.66 -16.61 14.99
CA ASP B 89 21.85 -17.38 15.93
C ASP B 89 21.11 -16.46 16.89
N THR B 90 21.40 -15.17 16.79
CA THR B 90 20.64 -14.15 17.48
C THR B 90 19.20 -14.21 16.98
N ALA B 91 18.28 -14.50 17.88
CA ALA B 91 16.86 -14.71 17.55
C ALA B 91 16.01 -14.73 18.82
N ILE B 92 14.68 -14.67 18.63
CA ILE B 92 13.76 -14.96 19.70
C ILE B 92 13.55 -16.47 19.71
N TYR B 93 13.75 -17.09 20.87
CA TYR B 93 13.57 -18.52 21.04
C TYR B 93 12.30 -18.76 21.82
N TYR B 94 11.45 -19.63 21.28
CA TYR B 94 10.20 -19.98 21.91
C TYR B 94 10.15 -21.47 22.22
N CYS B 95 9.47 -21.81 23.31
CA CYS B 95 9.01 -23.19 23.49
C CYS B 95 7.53 -23.21 23.14
N ALA B 96 7.02 -24.36 22.72
CA ALA B 96 5.64 -24.43 22.27
C ALA B 96 5.05 -25.81 22.51
N ARG B 97 3.73 -25.88 22.68
CA ARG B 97 3.04 -27.16 22.80
C ARG B 97 1.95 -27.29 21.74
N ALA B 98 1.80 -28.49 21.17
CA ALA B 98 0.73 -28.74 20.19
C ALA B 98 -0.63 -29.01 20.84
N LEU B 99 -1.67 -29.08 20.03
CA LEU B 99 -3.02 -29.40 20.52
C LEU B 99 -3.08 -30.82 21.05
N THR B 100 -2.53 -31.75 20.29
CA THR B 100 -2.53 -33.14 20.71
C THR B 100 -1.11 -33.62 20.90
N TYR B 101 -0.95 -34.73 21.61
CA TYR B 101 0.37 -35.15 22.05
C TYR B 101 1.40 -35.41 20.93
N TYR B 102 0.92 -35.75 19.74
CA TYR B 102 1.80 -36.25 18.68
C TYR B 102 1.96 -35.26 17.52
N ASP B 103 1.24 -34.14 17.60
CA ASP B 103 1.09 -33.25 16.44
C ASP B 103 2.00 -32.01 16.54
N TYR B 104 1.81 -31.06 15.64
CA TYR B 104 2.70 -29.92 15.47
C TYR B 104 1.89 -28.64 15.21
N GLU B 105 0.60 -28.65 15.54
CA GLU B 105 -0.15 -27.42 15.43
C GLU B 105 -0.04 -26.65 16.75
N PHE B 106 0.85 -25.66 16.79
CA PHE B 106 1.25 -25.00 18.03
C PHE B 106 0.23 -24.00 18.60
N ALA B 107 -0.57 -24.49 19.54
CA ALA B 107 -1.66 -23.70 20.12
C ALA B 107 -1.20 -22.98 21.37
N TYR B 108 -0.09 -23.40 21.95
CA TYR B 108 0.43 -22.74 23.14
C TYR B 108 1.90 -22.36 22.98
N TRP B 109 2.20 -21.09 23.24
CA TRP B 109 3.56 -20.60 23.11
C TRP B 109 4.07 -19.95 24.39
N GLY B 110 5.36 -20.15 24.68
CA GLY B 110 6.04 -19.37 25.69
C GLY B 110 6.17 -17.93 25.22
N GLN B 111 6.55 -17.04 26.13
CA GLN B 111 6.56 -15.62 25.79
C GLN B 111 7.74 -15.29 24.88
N GLY B 112 8.68 -16.22 24.76
CA GLY B 112 9.85 -16.02 23.94
C GLY B 112 11.05 -15.44 24.69
N THR B 113 12.22 -15.96 24.39
CA THR B 113 13.45 -15.49 25.00
C THR B 113 14.38 -14.93 23.91
N LEU B 114 14.73 -13.66 24.02
CA LEU B 114 15.65 -13.06 23.06
C LEU B 114 17.08 -13.33 23.45
N VAL B 115 17.81 -13.96 22.55
CA VAL B 115 19.20 -14.25 22.78
C VAL B 115 20.05 -13.45 21.82
N THR B 116 20.94 -12.62 22.36
CA THR B 116 21.81 -11.81 21.54
C THR B 116 23.19 -12.45 21.54
N VAL B 117 23.70 -12.80 20.36
CA VAL B 117 25.03 -13.39 20.27
C VAL B 117 26.04 -12.32 19.90
N SER B 118 26.88 -11.95 20.85
CA SER B 118 27.77 -10.82 20.65
C SER B 118 28.97 -10.84 21.59
N ALA B 119 30.05 -10.20 21.18
CA ALA B 119 31.25 -10.14 22.00
C ALA B 119 31.19 -9.02 23.06
N ALA B 120 30.28 -8.07 22.87
CA ALA B 120 30.19 -6.92 23.76
C ALA B 120 29.78 -7.30 25.17
N SER B 121 29.90 -6.35 26.09
CA SER B 121 29.51 -6.63 27.46
C SER B 121 28.17 -6.00 27.79
N THR B 122 27.50 -6.55 28.80
CA THR B 122 26.22 -6.05 29.23
C THR B 122 26.36 -4.66 29.83
N LYS B 123 25.42 -3.78 29.53
CA LYS B 123 25.35 -2.47 30.14
C LYS B 123 23.91 -2.08 30.48
N GLY B 124 23.70 -1.62 31.70
CA GLY B 124 22.38 -1.22 32.15
C GLY B 124 22.13 0.22 31.76
N PRO B 125 20.86 0.60 31.57
CA PRO B 125 20.59 1.92 31.03
C PRO B 125 20.48 2.98 32.14
N SER B 126 20.56 4.25 31.73
CA SER B 126 20.19 5.36 32.56
C SER B 126 18.76 5.75 32.19
N VAL B 127 17.98 6.18 33.18
CA VAL B 127 16.62 6.60 32.91
C VAL B 127 16.47 8.09 33.18
N PHE B 128 16.01 8.82 32.17
CA PHE B 128 15.85 10.27 32.29
C PHE B 128 14.40 10.69 32.06
N PRO B 129 13.91 11.67 32.83
CA PRO B 129 12.51 12.06 32.66
C PRO B 129 12.34 12.92 31.42
N LEU B 130 11.21 12.70 30.73
CA LEU B 130 10.73 13.64 29.72
C LEU B 130 9.58 14.40 30.36
N ALA B 131 9.92 15.57 30.89
CA ALA B 131 9.00 16.28 31.78
C ALA B 131 7.98 17.10 31.01
N PRO B 132 6.71 17.06 31.46
CA PRO B 132 5.62 17.86 30.87
C PRO B 132 5.87 19.35 31.05
N SER B 133 5.64 20.13 30.00
CA SER B 133 5.85 21.58 30.04
C SER B 133 4.53 22.34 29.91
N SER B 134 4.54 23.59 30.38
CA SER B 134 3.37 24.46 30.29
C SER B 134 3.22 25.06 28.88
N SER B 138 -1.76 21.73 25.76
CA SER B 138 -2.33 21.09 24.56
C SER B 138 -3.83 20.78 24.71
N GLY B 139 -4.64 21.82 24.94
CA GLY B 139 -6.06 21.65 25.13
C GLY B 139 -6.36 20.68 26.26
N GLY B 140 -5.72 20.93 27.41
CA GLY B 140 -5.92 20.10 28.59
C GLY B 140 -5.15 18.78 28.65
N THR B 141 -4.45 18.41 27.58
CA THR B 141 -3.67 17.19 27.56
C THR B 141 -2.17 17.50 27.69
N ALA B 142 -1.50 16.79 28.58
CA ALA B 142 -0.06 16.92 28.74
C ALA B 142 0.62 15.61 28.34
N ALA B 143 1.79 15.71 27.71
CA ALA B 143 2.57 14.50 27.43
C ALA B 143 3.77 14.44 28.35
N LEU B 144 4.16 13.23 28.73
CA LEU B 144 5.36 13.07 29.53
C LEU B 144 5.95 11.70 29.29
N GLY B 145 7.20 11.50 29.70
CA GLY B 145 7.81 10.22 29.44
C GLY B 145 9.12 9.98 30.12
N CYS B 146 9.77 8.90 29.67
CA CYS B 146 11.07 8.47 30.15
C CYS B 146 11.98 8.15 28.98
N LEU B 147 13.21 8.65 29.06
CA LEU B 147 14.22 8.30 28.08
C LEU B 147 15.07 7.21 28.71
N VAL B 148 15.06 6.03 28.09
CA VAL B 148 15.82 4.91 28.61
C VAL B 148 17.03 4.69 27.71
N LYS B 149 18.20 5.13 28.18
CA LYS B 149 19.33 5.35 27.31
C LYS B 149 20.58 4.53 27.62
N ASP B 150 21.25 4.09 26.55
CA ASP B 150 22.59 3.53 26.61
C ASP B 150 22.67 2.16 27.29
N TYR B 151 21.89 1.21 26.78
CA TYR B 151 21.91 -0.12 27.33
C TYR B 151 22.24 -1.16 26.28
N PHE B 152 22.72 -2.31 26.73
CA PHE B 152 23.00 -3.43 25.85
C PHE B 152 23.01 -4.71 26.68
N PRO B 153 22.43 -5.78 26.14
CA PRO B 153 21.67 -5.80 24.88
C PRO B 153 20.20 -5.56 25.13
N GLU B 154 19.38 -5.72 24.09
CA GLU B 154 17.92 -5.72 24.22
C GLU B 154 17.52 -6.93 25.06
N PRO B 155 16.35 -6.87 25.72
CA PRO B 155 15.38 -5.76 25.72
C PRO B 155 15.31 -5.05 27.06
N VAL B 156 14.62 -3.92 27.10
CA VAL B 156 14.15 -3.38 28.38
C VAL B 156 12.65 -3.47 28.33
N THR B 157 12.01 -3.73 29.46
CA THR B 157 10.57 -3.56 29.52
C THR B 157 10.32 -2.23 30.18
N VAL B 158 9.23 -1.58 29.79
CA VAL B 158 8.81 -0.36 30.45
C VAL B 158 7.33 -0.42 30.72
N SER B 159 6.94 -0.03 31.92
CA SER B 159 5.54 0.15 32.19
C SER B 159 5.36 1.42 33.03
N TRP B 160 4.11 1.79 33.23
CA TRP B 160 3.79 2.97 33.98
C TRP B 160 2.93 2.65 35.21
N ASN B 161 3.20 3.36 36.29
CA ASN B 161 2.51 3.20 37.56
C ASN B 161 2.26 1.74 37.92
N SER B 162 3.32 0.96 37.89
CA SER B 162 3.30 -0.46 38.20
C SER B 162 2.20 -1.19 37.49
N GLY B 163 1.95 -0.81 36.25
CA GLY B 163 1.02 -1.57 35.42
C GLY B 163 -0.38 -0.99 35.39
N ALA B 164 -0.67 -0.05 36.28
CA ALA B 164 -2.00 0.55 36.41
C ALA B 164 -2.34 1.53 35.28
N LEU B 165 -1.33 2.18 34.73
CA LEU B 165 -1.55 3.14 33.65
C LEU B 165 -1.14 2.50 32.32
N THR B 166 -2.08 2.38 31.41
CA THR B 166 -1.80 1.78 30.10
C THR B 166 -2.40 2.59 28.97
N SER B 167 -3.46 3.32 29.26
CA SER B 167 -4.14 4.08 28.24
C SER B 167 -3.30 5.29 27.83
N GLY B 168 -3.05 5.45 26.53
CA GLY B 168 -2.32 6.61 26.05
C GLY B 168 -0.81 6.41 26.12
N VAL B 169 -0.37 5.22 26.51
CA VAL B 169 1.05 4.91 26.54
C VAL B 169 1.56 4.51 25.15
N HIS B 170 2.66 5.10 24.73
CA HIS B 170 3.38 4.54 23.60
C HIS B 170 4.82 4.29 24.01
N THR B 171 5.26 3.05 23.86
CA THR B 171 6.65 2.76 24.09
C THR B 171 7.31 2.46 22.76
N PHE B 172 8.21 3.36 22.36
CA PHE B 172 8.79 3.30 21.03
C PHE B 172 9.78 2.17 20.90
N PRO B 173 9.90 1.61 19.69
CA PRO B 173 10.97 0.66 19.39
C PRO B 173 12.33 1.24 19.76
N ALA B 174 13.21 0.39 20.27
CA ALA B 174 14.57 0.78 20.56
C ALA B 174 15.35 1.00 19.27
N VAL B 175 16.26 1.96 19.30
CA VAL B 175 17.14 2.23 18.18
C VAL B 175 18.58 2.07 18.63
N LEU B 176 19.42 1.60 17.72
CA LEU B 176 20.84 1.39 17.98
C LEU B 176 21.62 2.66 17.67
N GLN B 177 22.24 3.24 18.69
CA GLN B 177 23.07 4.43 18.49
C GLN B 177 24.44 4.03 17.94
N SER B 178 25.19 4.99 17.41
CA SER B 178 26.48 4.70 16.79
C SER B 178 27.46 4.04 17.79
N SER B 179 27.20 4.27 19.08
CA SER B 179 28.01 3.70 20.13
C SER B 179 27.80 2.20 20.27
N GLY B 180 26.75 1.68 19.64
CA GLY B 180 26.44 0.27 19.75
C GLY B 180 25.57 -0.01 20.97
N LEU B 181 25.10 1.04 21.61
CA LEU B 181 24.22 0.91 22.76
C LEU B 181 22.81 1.28 22.30
N TYR B 182 21.81 0.57 22.80
CA TYR B 182 20.43 0.92 22.48
C TYR B 182 19.89 2.07 23.31
N SER B 183 18.86 2.71 22.78
CA SER B 183 18.16 3.78 23.45
C SER B 183 16.68 3.69 23.09
N LEU B 184 15.83 4.10 24.02
CA LEU B 184 14.39 3.93 23.87
C LEU B 184 13.64 4.97 24.69
N SER B 185 12.54 5.47 24.13
CA SER B 185 11.65 6.34 24.85
C SER B 185 10.26 5.75 25.03
N SER B 186 9.60 6.15 26.12
CA SER B 186 8.24 5.75 26.40
C SER B 186 7.44 6.96 26.84
N VAL B 187 6.32 7.21 26.19
CA VAL B 187 5.54 8.40 26.50
C VAL B 187 4.12 8.05 26.91
N VAL B 188 3.44 8.99 27.55
CA VAL B 188 2.04 8.82 27.83
C VAL B 188 1.43 10.20 27.91
N THR B 189 0.21 10.35 27.39
CA THR B 189 -0.56 11.57 27.53
C THR B 189 -1.60 11.40 28.62
N VAL B 190 -1.83 12.44 29.40
CA VAL B 190 -2.71 12.38 30.54
C VAL B 190 -3.39 13.72 30.62
N PRO B 191 -4.44 13.85 31.44
CA PRO B 191 -5.04 15.17 31.63
C PRO B 191 -4.07 16.10 32.35
N SER B 192 -3.92 17.33 31.86
CA SER B 192 -2.98 18.26 32.49
C SER B 192 -3.34 18.55 33.94
N SER B 193 -4.64 18.54 34.27
CA SER B 193 -5.09 18.83 35.64
C SER B 193 -4.81 17.70 36.64
N SER B 194 -4.49 16.51 36.15
CA SER B 194 -4.11 15.43 37.05
C SER B 194 -2.62 15.48 37.45
N LEU B 195 -1.87 16.41 36.90
CA LEU B 195 -0.44 16.52 37.19
C LEU B 195 -0.15 16.90 38.65
N GLY B 196 -1.07 17.63 39.26
CA GLY B 196 -0.88 18.05 40.63
C GLY B 196 -1.35 16.98 41.61
N THR B 197 -2.15 16.05 41.11
CA THR B 197 -2.81 15.04 41.93
C THR B 197 -2.16 13.65 41.84
N GLN B 198 -1.95 13.16 40.62
CA GLN B 198 -1.41 11.82 40.41
C GLN B 198 0.10 11.83 40.32
N THR B 199 0.72 10.73 40.73
CA THR B 199 2.13 10.56 40.46
C THR B 199 2.36 9.71 39.20
N TYR B 200 3.40 10.00 38.46
CA TYR B 200 3.70 9.20 37.28
C TYR B 200 5.10 8.63 37.38
N ILE B 201 5.16 7.33 37.25
CA ILE B 201 6.41 6.62 37.37
C ILE B 201 6.52 5.67 36.20
N CYS B 202 7.65 5.70 35.49
CA CYS B 202 7.90 4.64 34.53
C CYS B 202 8.73 3.58 35.22
N ASN B 203 8.30 2.32 35.11
CA ASN B 203 9.03 1.24 35.72
C ASN B 203 9.86 0.57 34.64
N VAL B 204 11.17 0.73 34.75
CA VAL B 204 12.08 0.23 33.73
C VAL B 204 12.79 -1.03 34.23
N ASN B 205 12.87 -2.05 33.38
CA ASN B 205 13.62 -3.24 33.73
C ASN B 205 14.55 -3.73 32.63
N HIS B 206 15.84 -3.76 32.92
CA HIS B 206 16.79 -4.37 31.99
C HIS B 206 17.32 -5.66 32.59
N LYS B 207 16.63 -6.76 32.32
CA LYS B 207 17.00 -8.04 32.93
C LYS B 207 18.43 -8.51 32.67
N PRO B 208 18.94 -8.36 31.42
CA PRO B 208 20.32 -8.80 31.20
C PRO B 208 21.38 -8.18 32.12
N SER B 209 21.10 -7.03 32.72
CA SER B 209 22.05 -6.39 33.62
C SER B 209 21.49 -6.32 35.05
N ASN B 210 20.37 -7.00 35.27
CA ASN B 210 19.61 -6.86 36.52
C ASN B 210 19.42 -5.40 37.01
N THR B 211 19.19 -4.48 36.07
CA THR B 211 18.91 -3.09 36.43
C THR B 211 17.41 -2.82 36.44
N LYS B 212 16.88 -2.48 37.61
CA LYS B 212 15.48 -2.06 37.76
C LYS B 212 15.42 -0.65 38.29
N VAL B 213 14.74 0.23 37.56
CA VAL B 213 14.67 1.63 37.96
C VAL B 213 13.24 2.12 37.88
N ASP B 214 12.81 2.85 38.89
CA ASP B 214 11.52 3.52 38.86
C ASP B 214 11.81 4.99 38.78
N LYS B 215 11.37 5.62 37.71
CA LYS B 215 11.64 7.03 37.53
C LYS B 215 10.36 7.81 37.69
N ARG B 216 10.31 8.66 38.70
CA ARG B 216 9.21 9.59 38.86
C ARG B 216 9.38 10.76 37.90
N VAL B 217 8.31 11.11 37.19
CA VAL B 217 8.37 12.17 36.20
C VAL B 217 7.46 13.30 36.58
N GLU B 218 8.02 14.51 36.72
CA GLU B 218 7.29 15.66 37.24
C GLU B 218 7.52 16.84 36.33
N PRO B 219 6.55 17.78 36.31
CA PRO B 219 6.71 19.07 35.61
C PRO B 219 7.93 19.77 36.18
N LYS B 220 8.79 20.36 35.33
CA LYS B 220 10.04 20.92 35.86
C LYS B 220 9.79 22.27 36.51
N SER B 221 10.65 22.62 37.49
CA SER B 221 10.49 23.81 38.35
C SER B 221 10.27 25.14 37.60
N ASP C 1 -25.78 -16.86 -10.76
CA ASP C 1 -24.55 -16.85 -11.54
C ASP C 1 -23.32 -17.22 -10.71
N ILE C 2 -22.19 -17.44 -11.38
CA ILE C 2 -20.95 -17.72 -10.66
C ILE C 2 -20.34 -16.43 -10.20
N LEU C 3 -20.10 -16.33 -8.90
CA LEU C 3 -19.34 -15.21 -8.41
C LEU C 3 -17.86 -15.55 -8.46
N LEU C 4 -17.06 -14.64 -8.97
CA LEU C 4 -15.62 -14.81 -8.97
C LEU C 4 -15.00 -13.79 -8.04
N THR C 5 -14.21 -14.27 -7.10
CA THR C 5 -13.56 -13.41 -6.12
C THR C 5 -12.07 -13.33 -6.39
N GLN C 6 -11.59 -12.14 -6.74
CA GLN C 6 -10.16 -11.93 -7.01
C GLN C 6 -9.46 -11.30 -5.82
N SER C 7 -8.32 -11.85 -5.43
CA SER C 7 -7.54 -11.26 -4.35
C SER C 7 -6.05 -11.25 -4.72
N PRO C 8 -5.31 -10.29 -4.16
CA PRO C 8 -5.85 -9.18 -3.39
C PRO C 8 -6.42 -8.12 -4.32
N VAL C 9 -7.05 -7.11 -3.74
CA VAL C 9 -7.59 -6.01 -4.50
C VAL C 9 -6.44 -5.21 -5.13
N ILE C 10 -5.40 -4.99 -4.34
CA ILE C 10 -4.23 -4.28 -4.83
C ILE C 10 -2.99 -5.09 -4.53
N LEU C 11 -2.17 -5.27 -5.54
CA LEU C 11 -0.98 -6.10 -5.45
C LEU C 11 0.23 -5.19 -5.65
N SER C 12 0.99 -4.96 -4.59
CA SER C 12 2.16 -4.09 -4.68
C SER C 12 3.46 -4.91 -4.54
N VAL C 13 4.29 -4.86 -5.58
CA VAL C 13 5.46 -5.71 -5.68
C VAL C 13 6.60 -4.90 -6.28
N SER C 14 7.81 -5.46 -6.25
CA SER C 14 9.00 -4.83 -6.82
C SER C 14 9.39 -5.56 -8.10
N PRO C 15 10.09 -4.88 -9.01
CA PRO C 15 10.43 -5.55 -10.26
C PRO C 15 11.36 -6.73 -10.04
N GLY C 16 11.22 -7.76 -10.86
CA GLY C 16 12.01 -8.97 -10.73
C GLY C 16 11.34 -10.00 -9.84
N GLU C 17 10.47 -9.56 -8.93
CA GLU C 17 9.74 -10.50 -8.07
C GLU C 17 8.78 -11.40 -8.85
N ARG C 18 8.52 -12.58 -8.31
CA ARG C 18 7.47 -13.45 -8.84
C ARG C 18 6.15 -12.98 -8.26
N VAL C 19 5.12 -12.93 -9.09
CA VAL C 19 3.86 -12.34 -8.70
C VAL C 19 2.69 -13.30 -8.96
N SER C 20 1.74 -13.35 -8.03
CA SER C 20 0.64 -14.29 -8.09
C SER C 20 -0.71 -13.65 -7.81
N PHE C 21 -1.68 -13.92 -8.69
CA PHE C 21 -3.03 -13.39 -8.57
C PHE C 21 -4.00 -14.50 -8.27
N SER C 22 -4.88 -14.28 -7.30
CA SER C 22 -5.84 -15.32 -6.95
C SER C 22 -7.23 -15.01 -7.53
N CYS C 23 -7.84 -16.02 -8.14
CA CYS C 23 -9.21 -15.95 -8.61
C CYS C 23 -9.94 -17.19 -8.11
N ARG C 24 -10.89 -16.96 -7.20
CA ARG C 24 -11.63 -18.05 -6.60
CA ARG C 24 -11.65 -18.03 -6.56
C ARG C 24 -13.10 -18.03 -7.05
N ALA C 25 -13.57 -19.18 -7.56
CA ALA C 25 -14.95 -19.29 -8.06
C ALA C 25 -15.92 -19.76 -6.98
N SER C 26 -17.14 -19.22 -7.02
CA SER C 26 -18.16 -19.52 -6.00
C SER C 26 -18.66 -20.97 -6.05
N GLN C 27 -18.30 -21.69 -7.11
CA GLN C 27 -18.48 -23.14 -7.18
C GLN C 27 -17.53 -23.67 -8.24
N SER C 28 -17.37 -24.98 -8.33
CA SER C 28 -16.40 -25.58 -9.23
C SER C 28 -16.69 -25.23 -10.70
N ILE C 29 -15.63 -24.98 -11.46
CA ILE C 29 -15.77 -24.62 -12.86
C ILE C 29 -14.75 -25.35 -13.72
N GLY C 30 -14.26 -26.48 -13.24
CA GLY C 30 -13.27 -27.26 -13.95
C GLY C 30 -12.02 -26.44 -14.22
N THR C 31 -11.67 -26.27 -15.48
CA THR C 31 -10.58 -25.36 -15.84
C THR C 31 -11.07 -24.20 -16.73
N ASN C 32 -12.36 -23.87 -16.63
CA ASN C 32 -12.94 -22.88 -17.53
C ASN C 32 -12.75 -21.44 -17.06
N ILE C 33 -11.49 -21.05 -16.92
CA ILE C 33 -11.14 -19.70 -16.52
C ILE C 33 -10.22 -19.10 -17.59
N HIS C 34 -10.44 -17.82 -17.92
CA HIS C 34 -9.57 -17.09 -18.84
C HIS C 34 -9.08 -15.82 -18.14
N TRP C 35 -7.84 -15.41 -18.38
CA TRP C 35 -7.31 -14.21 -17.76
C TRP C 35 -7.06 -13.11 -18.77
N TYR C 36 -7.24 -11.87 -18.33
CA TYR C 36 -7.02 -10.70 -19.18
C TYR C 36 -6.22 -9.61 -18.49
N GLN C 37 -5.52 -8.83 -19.31
CA GLN C 37 -4.77 -7.70 -18.83
C GLN C 37 -5.40 -6.43 -19.40
N GLN C 38 -5.55 -5.41 -18.58
CA GLN C 38 -5.92 -4.12 -19.11
C GLN C 38 -4.92 -3.08 -18.67
N ARG C 39 -4.18 -2.55 -19.64
CA ARG C 39 -3.24 -1.47 -19.39
C ARG C 39 -3.90 -0.09 -19.53
N THR C 40 -3.20 0.95 -19.07
CA THR C 40 -3.69 2.31 -19.18
C THR C 40 -4.18 2.63 -20.60
N ASN C 41 -5.42 3.10 -20.69
CA ASN C 41 -6.06 3.44 -21.97
C ASN C 41 -6.28 2.26 -22.91
N GLY C 42 -6.05 1.05 -22.42
CA GLY C 42 -6.20 -0.14 -23.22
C GLY C 42 -7.54 -0.85 -23.14
N SER C 43 -7.77 -1.74 -24.10
CA SER C 43 -8.88 -2.65 -24.03
C SER C 43 -8.33 -3.90 -23.35
N PRO C 44 -9.21 -4.74 -22.78
CA PRO C 44 -8.72 -5.96 -22.15
C PRO C 44 -7.96 -6.80 -23.16
N ARG C 45 -6.89 -7.45 -22.72
CA ARG C 45 -6.08 -8.29 -23.60
C ARG C 45 -6.01 -9.67 -22.98
N LEU C 46 -6.33 -10.68 -23.76
CA LEU C 46 -6.35 -12.06 -23.28
C LEU C 46 -4.93 -12.57 -23.05
N LEU C 47 -4.68 -13.12 -21.86
CA LEU C 47 -3.35 -13.58 -21.47
C LEU C 47 -3.21 -15.09 -21.44
N ILE C 48 -4.24 -15.75 -20.91
CA ILE C 48 -4.23 -17.18 -20.65
C ILE C 48 -5.66 -17.67 -20.84
N LYS C 49 -5.83 -18.78 -21.57
CA LYS C 49 -7.14 -19.41 -21.69
C LYS C 49 -7.14 -20.80 -21.03
N TYR C 50 -8.30 -21.20 -20.52
CA TYR C 50 -8.47 -22.51 -19.90
C TYR C 50 -7.44 -22.79 -18.79
N ALA C 51 -7.30 -21.81 -17.88
CA ALA C 51 -6.43 -21.91 -16.70
C ALA C 51 -4.92 -21.84 -16.95
N SER C 52 -4.44 -22.57 -17.96
CA SER C 52 -2.99 -22.76 -18.07
C SER C 52 -2.44 -22.62 -19.47
N GLU C 53 -3.32 -22.47 -20.46
CA GLU C 53 -2.90 -22.52 -21.86
C GLU C 53 -2.47 -21.15 -22.39
N SER C 54 -1.39 -21.13 -23.16
CA SER C 54 -0.80 -19.86 -23.57
C SER C 54 -1.47 -19.31 -24.81
N ILE C 55 -1.22 -18.02 -25.05
CA ILE C 55 -1.81 -17.28 -26.16
C ILE C 55 -0.69 -16.71 -27.02
N SER C 56 -0.88 -16.71 -28.33
CA SER C 56 0.14 -16.19 -29.22
C SER C 56 0.41 -14.71 -28.95
N GLY C 57 1.68 -14.39 -28.76
CA GLY C 57 2.11 -13.02 -28.67
C GLY C 57 2.27 -12.51 -27.26
N ILE C 58 1.92 -13.36 -26.29
CA ILE C 58 2.05 -13.01 -24.88
C ILE C 58 3.38 -13.51 -24.34
N PRO C 59 4.11 -12.63 -23.62
CA PRO C 59 5.42 -12.98 -23.03
C PRO C 59 5.35 -14.27 -22.22
N SER C 60 6.45 -15.01 -22.26
CA SER C 60 6.55 -16.32 -21.60
C SER C 60 6.44 -16.22 -20.09
N ARG C 61 6.64 -15.02 -19.54
CA ARG C 61 6.68 -14.85 -18.10
C ARG C 61 5.29 -14.95 -17.50
N PHE C 62 4.28 -14.88 -18.36
CA PHE C 62 2.91 -15.06 -17.90
C PHE C 62 2.57 -16.54 -17.93
N SER C 63 1.96 -17.01 -16.85
CA SER C 63 1.48 -18.40 -16.78
C SER C 63 0.32 -18.49 -15.79
N GLY C 64 -0.46 -19.56 -15.90
CA GLY C 64 -1.53 -19.80 -14.97
C GLY C 64 -1.68 -21.26 -14.56
N SER C 65 -2.36 -21.49 -13.44
CA SER C 65 -2.58 -22.85 -12.97
C SER C 65 -3.89 -22.94 -12.19
N GLY C 66 -4.26 -24.14 -11.80
CA GLY C 66 -5.44 -24.35 -10.99
C GLY C 66 -6.55 -25.13 -11.67
N SER C 67 -7.39 -25.74 -10.84
CA SER C 67 -8.62 -26.40 -11.30
C SER C 67 -9.63 -26.43 -10.17
N GLY C 68 -10.90 -26.52 -10.52
CA GLY C 68 -11.93 -26.59 -9.51
C GLY C 68 -12.43 -25.20 -9.17
N THR C 69 -11.95 -24.64 -8.07
CA THR C 69 -12.38 -23.32 -7.67
C THR C 69 -11.26 -22.30 -7.50
N ASP C 70 -10.03 -22.78 -7.38
CA ASP C 70 -8.90 -21.91 -7.04
C ASP C 70 -7.93 -21.75 -8.20
N PHE C 71 -7.80 -20.53 -8.70
CA PHE C 71 -6.97 -20.29 -9.88
C PHE C 71 -5.94 -19.22 -9.63
N THR C 72 -4.80 -19.37 -10.31
CA THR C 72 -3.66 -18.49 -10.12
C THR C 72 -3.10 -18.02 -11.46
N LEU C 73 -2.92 -16.72 -11.58
CA LEU C 73 -2.19 -16.13 -12.69
C LEU C 73 -0.85 -15.74 -12.13
N SER C 74 0.22 -16.07 -12.85
CA SER C 74 1.57 -15.89 -12.33
CA SER C 74 1.57 -15.90 -12.33
C SER C 74 2.46 -15.14 -13.30
N ILE C 75 3.24 -14.20 -12.76
CA ILE C 75 4.28 -13.53 -13.53
C ILE C 75 5.62 -13.83 -12.86
N ASN C 76 6.52 -14.54 -13.55
CA ASN C 76 7.73 -15.01 -12.86
C ASN C 76 8.72 -13.89 -12.50
N SER C 77 8.93 -12.95 -13.41
CA SER C 77 9.81 -11.82 -13.15
C SER C 77 9.11 -10.56 -13.61
N VAL C 78 8.36 -9.94 -12.72
CA VAL C 78 7.52 -8.81 -13.07
C VAL C 78 8.32 -7.58 -13.54
N GLU C 79 7.85 -6.95 -14.60
CA GLU C 79 8.50 -5.79 -15.17
C GLU C 79 7.62 -4.55 -15.04
N SER C 80 8.20 -3.38 -15.25
CA SER C 80 7.45 -2.14 -15.15
C SER C 80 6.31 -2.03 -16.18
N GLU C 81 6.47 -2.72 -17.31
CA GLU C 81 5.47 -2.70 -18.38
C GLU C 81 4.23 -3.47 -17.98
N ASP C 82 4.33 -4.28 -16.92
CA ASP C 82 3.23 -5.13 -16.48
C ASP C 82 2.25 -4.40 -15.58
N ILE C 83 2.56 -3.14 -15.28
CA ILE C 83 1.63 -2.26 -14.57
C ILE C 83 0.30 -2.24 -15.31
N ALA C 84 -0.75 -2.72 -14.65
CA ALA C 84 -2.06 -2.94 -15.28
C ALA C 84 -3.08 -3.50 -14.28
N ASP C 85 -4.31 -3.72 -14.73
CA ASP C 85 -5.26 -4.49 -13.94
C ASP C 85 -5.43 -5.88 -14.55
N TYR C 86 -5.71 -6.86 -13.70
CA TYR C 86 -5.81 -8.25 -14.14
C TYR C 86 -7.15 -8.86 -13.77
N TYR C 87 -7.85 -9.37 -14.78
CA TYR C 87 -9.21 -9.85 -14.62
C TYR C 87 -9.33 -11.32 -14.96
N CYS C 88 -10.23 -12.01 -14.27
CA CYS C 88 -10.52 -13.40 -14.61
C CYS C 88 -11.98 -13.55 -15.07
N GLN C 89 -12.19 -14.50 -15.97
CA GLN C 89 -13.50 -14.74 -16.55
C GLN C 89 -13.77 -16.24 -16.47
N GLN C 90 -14.96 -16.61 -16.02
CA GLN C 90 -15.35 -18.01 -16.03
C GLN C 90 -16.35 -18.24 -17.17
N ASN C 91 -16.25 -19.38 -17.82
CA ASN C 91 -17.28 -19.75 -18.79
C ASN C 91 -17.66 -21.22 -18.70
N ASN C 92 -17.80 -21.71 -17.46
CA ASN C 92 -18.33 -23.05 -17.25
C ASN C 92 -19.84 -22.97 -17.19
N ASN C 93 -20.35 -21.81 -16.73
CA ASN C 93 -21.76 -21.59 -16.58
C ASN C 93 -22.20 -20.33 -17.28
N TRP C 94 -23.36 -20.39 -17.91
CA TRP C 94 -23.88 -19.25 -18.64
C TRP C 94 -24.68 -18.40 -17.66
N PRO C 95 -24.54 -17.07 -17.76
CA PRO C 95 -23.69 -16.38 -18.74
C PRO C 95 -22.26 -16.25 -18.24
N THR C 96 -21.31 -16.10 -19.17
CA THR C 96 -19.93 -15.86 -18.79
C THR C 96 -19.85 -14.64 -17.86
N THR C 97 -19.04 -14.74 -16.82
CA THR C 97 -18.90 -13.65 -15.87
C THR C 97 -17.45 -13.36 -15.54
N PHE C 98 -17.21 -12.15 -15.03
CA PHE C 98 -15.87 -11.64 -14.79
C PHE C 98 -15.63 -11.36 -13.30
N GLY C 99 -14.37 -11.39 -12.89
CA GLY C 99 -14.00 -10.91 -11.57
C GLY C 99 -13.92 -9.39 -11.51
N ALA C 100 -13.68 -8.84 -10.32
CA ALA C 100 -13.59 -7.38 -10.15
C ALA C 100 -12.18 -6.86 -10.40
N GLY C 101 -11.23 -7.77 -10.57
CA GLY C 101 -9.88 -7.40 -10.96
C GLY C 101 -8.97 -7.15 -9.78
N THR C 102 -7.67 -7.21 -10.07
CA THR C 102 -6.62 -6.92 -9.11
C THR C 102 -5.73 -5.86 -9.75
N LYS C 103 -5.51 -4.75 -9.06
CA LYS C 103 -4.59 -3.71 -9.55
C LYS C 103 -3.15 -4.05 -9.20
N LEU C 104 -2.28 -4.10 -10.21
CA LEU C 104 -0.87 -4.37 -9.99
C LEU C 104 -0.07 -3.08 -9.96
N GLU C 105 0.64 -2.83 -8.85
CA GLU C 105 1.49 -1.64 -8.71
C GLU C 105 2.96 -2.00 -8.58
N LEU C 106 3.82 -1.20 -9.19
CA LEU C 106 5.25 -1.41 -9.07
C LEU C 106 5.96 -0.42 -8.12
N LYS C 107 6.82 -0.96 -7.27
CA LYS C 107 7.58 -0.15 -6.34
C LYS C 107 8.85 0.32 -7.01
N ARG C 108 9.39 1.44 -6.54
CA ARG C 108 10.62 1.96 -7.10
C ARG C 108 11.18 2.92 -6.09
N THR C 109 12.38 3.42 -6.32
CA THR C 109 12.97 4.37 -5.41
C THR C 109 12.20 5.68 -5.44
N VAL C 110 12.28 6.39 -4.32
CA VAL C 110 11.79 7.74 -4.19
C VAL C 110 12.38 8.65 -5.28
N ALA C 111 11.53 9.44 -5.91
CA ALA C 111 11.96 10.43 -6.87
C ALA C 111 11.17 11.70 -6.64
N ALA C 112 11.88 12.81 -6.57
CA ALA C 112 11.26 14.08 -6.30
C ALA C 112 10.64 14.60 -7.58
N PRO C 113 9.54 15.38 -7.45
CA PRO C 113 8.90 15.97 -8.63
C PRO C 113 9.68 17.14 -9.15
N SER C 114 9.69 17.32 -10.46
CA SER C 114 10.10 18.59 -11.01
C SER C 114 8.85 19.45 -11.10
N VAL C 115 8.94 20.70 -10.70
CA VAL C 115 7.75 21.53 -10.60
C VAL C 115 7.75 22.66 -11.62
N PHE C 116 6.60 22.89 -12.25
CA PHE C 116 6.45 23.96 -13.22
C PHE C 116 5.15 24.70 -12.97
N ILE C 117 5.18 26.03 -13.10
CA ILE C 117 3.97 26.82 -12.99
C ILE C 117 3.63 27.49 -14.32
N PHE C 118 2.34 27.49 -14.65
CA PHE C 118 1.85 28.11 -15.89
C PHE C 118 0.77 29.15 -15.63
N PRO C 119 1.03 30.41 -16.02
CA PRO C 119 0.05 31.49 -15.88
C PRO C 119 -1.08 31.27 -16.85
N PRO C 120 -2.24 31.91 -16.60
CA PRO C 120 -3.29 31.86 -17.62
C PRO C 120 -2.85 32.59 -18.88
N SER C 121 -3.41 32.19 -20.01
CA SER C 121 -3.16 32.85 -21.28
C SER C 121 -4.10 34.04 -21.42
N ASP C 122 -3.67 35.04 -22.17
CA ASP C 122 -4.53 36.20 -22.44
C ASP C 122 -5.81 35.77 -23.15
N GLU C 123 -5.67 34.72 -23.96
CA GLU C 123 -6.80 34.23 -24.75
CA GLU C 123 -6.77 34.18 -24.75
C GLU C 123 -7.94 33.78 -23.84
N GLN C 124 -7.60 33.16 -22.72
CA GLN C 124 -8.62 32.70 -21.78
C GLN C 124 -9.22 33.85 -20.96
N LEU C 125 -8.39 34.83 -20.58
CA LEU C 125 -8.86 35.96 -19.79
C LEU C 125 -10.05 36.68 -20.43
N LYS C 126 -9.98 36.82 -21.76
CA LYS C 126 -11.09 37.30 -22.56
C LYS C 126 -12.44 36.70 -22.16
N SER C 127 -12.43 35.49 -21.62
CA SER C 127 -13.67 34.78 -21.33
C SER C 127 -14.16 34.99 -19.89
N GLY C 128 -13.39 35.75 -19.10
CA GLY C 128 -13.81 36.07 -17.75
C GLY C 128 -13.36 35.07 -16.68
N THR C 129 -12.45 34.17 -17.07
CA THR C 129 -11.93 33.15 -16.17
C THR C 129 -10.43 32.95 -16.36
N ALA C 130 -9.71 32.70 -15.27
CA ALA C 130 -8.30 32.39 -15.33
C ALA C 130 -8.00 31.01 -14.75
N SER C 131 -7.36 30.14 -15.53
CA SER C 131 -6.85 28.87 -15.00
C SER C 131 -5.33 29.00 -14.76
N VAL C 132 -4.89 28.77 -13.53
CA VAL C 132 -3.46 28.71 -13.23
C VAL C 132 -3.08 27.25 -12.96
N VAL C 133 -2.03 26.78 -13.63
CA VAL C 133 -1.74 25.37 -13.62
C VAL C 133 -0.37 25.13 -13.04
N CYS C 134 -0.28 24.11 -12.18
CA CYS C 134 0.98 23.68 -11.62
C CYS C 134 1.24 22.21 -11.97
N LEU C 135 2.42 21.95 -12.55
CA LEU C 135 2.82 20.61 -12.94
C LEU C 135 3.84 20.01 -11.95
N LEU C 136 3.52 18.84 -11.42
CA LEU C 136 4.49 18.03 -10.69
C LEU C 136 4.90 16.84 -11.56
N ASN C 137 6.14 16.82 -12.03
CA ASN C 137 6.52 15.84 -13.05
C ASN C 137 7.37 14.67 -12.55
N ASN C 138 6.96 13.46 -12.94
CA ASN C 138 7.77 12.24 -12.77
C ASN C 138 8.31 11.99 -11.36
N PHE C 139 7.42 11.73 -10.41
CA PHE C 139 7.81 11.58 -9.01
C PHE C 139 7.28 10.27 -8.41
N TYR C 140 7.81 9.91 -7.24
CA TYR C 140 7.38 8.71 -6.54
C TYR C 140 7.83 8.82 -5.09
N PRO C 141 6.97 8.42 -4.15
CA PRO C 141 5.65 7.82 -4.34
C PRO C 141 4.60 8.85 -4.72
N ARG C 142 3.36 8.37 -4.88
CA ARG C 142 2.29 9.15 -5.45
C ARG C 142 1.78 10.29 -4.55
N GLU C 143 1.86 10.12 -3.25
CA GLU C 143 1.35 11.16 -2.35
CA GLU C 143 1.37 11.13 -2.32
C GLU C 143 2.18 12.43 -2.44
N ALA C 144 1.48 13.55 -2.60
CA ALA C 144 2.10 14.85 -2.76
C ALA C 144 1.11 15.91 -2.34
N LYS C 145 1.59 16.99 -1.72
CA LYS C 145 0.74 18.12 -1.35
C LYS C 145 1.09 19.34 -2.22
N VAL C 146 0.09 19.88 -2.91
CA VAL C 146 0.23 21.12 -3.65
C VAL C 146 -0.61 22.21 -2.99
N GLN C 147 0.04 23.30 -2.58
CA GLN C 147 -0.68 24.44 -2.04
C GLN C 147 -0.51 25.66 -2.91
N TRP C 148 -1.63 26.33 -3.17
CA TRP C 148 -1.67 27.58 -3.92
C TRP C 148 -1.71 28.76 -2.97
N LYS C 149 -0.88 29.76 -3.24
CA LYS C 149 -0.95 31.00 -2.51
C LYS C 149 -1.03 32.14 -3.51
N VAL C 150 -1.96 33.05 -3.28
CA VAL C 150 -2.15 34.21 -4.13
C VAL C 150 -1.95 35.46 -3.26
N ASP C 151 -0.90 36.23 -3.56
CA ASP C 151 -0.41 37.28 -2.66
C ASP C 151 -0.36 36.79 -1.22
N ASN C 152 0.15 35.58 -1.04
CA ASN C 152 0.32 34.95 0.28
C ASN C 152 -0.93 34.38 0.94
N ALA C 153 -2.07 34.49 0.28
CA ALA C 153 -3.27 33.90 0.84
C ALA C 153 -3.42 32.46 0.34
N LEU C 154 -3.44 31.52 1.28
CA LEU C 154 -3.70 30.13 0.98
C LEU C 154 -5.08 29.98 0.35
N GLN C 155 -5.14 29.28 -0.79
CA GLN C 155 -6.38 29.07 -1.51
C GLN C 155 -7.01 27.77 -1.08
N SER C 156 -8.32 27.78 -0.93
CA SER C 156 -9.04 26.60 -0.51
C SER C 156 -10.36 26.50 -1.26
N GLY C 157 -10.60 25.37 -1.91
CA GLY C 157 -11.86 25.11 -2.57
C GLY C 157 -11.92 25.51 -4.04
N ASN C 158 -10.84 26.11 -4.56
CA ASN C 158 -10.83 26.53 -5.96
C ASN C 158 -9.72 25.85 -6.82
N SER C 159 -9.30 24.68 -6.40
CA SER C 159 -8.28 23.94 -7.12
C SER C 159 -8.70 22.48 -7.30
N GLN C 160 -8.28 21.89 -8.41
CA GLN C 160 -8.51 20.47 -8.67
C GLN C 160 -7.24 19.81 -9.17
N GLU C 161 -7.03 18.56 -8.76
CA GLU C 161 -5.85 17.81 -9.15
C GLU C 161 -6.22 16.65 -10.04
N SER C 162 -5.28 16.27 -10.90
CA SER C 162 -5.39 15.11 -11.75
C SER C 162 -4.04 14.39 -11.68
N VAL C 163 -4.06 13.05 -11.65
CA VAL C 163 -2.84 12.29 -11.48
C VAL C 163 -2.79 11.17 -12.52
N THR C 164 -1.65 11.04 -13.20
CA THR C 164 -1.53 9.96 -14.19
C THR C 164 -1.37 8.62 -13.47
N GLU C 165 -1.51 7.53 -14.21
CA GLU C 165 -1.13 6.21 -13.72
C GLU C 165 0.37 6.03 -13.81
N GLN C 166 0.90 4.98 -13.19
CA GLN C 166 2.34 4.76 -13.18
C GLN C 166 2.87 4.62 -14.60
N ASP C 167 3.89 5.39 -14.92
CA ASP C 167 4.52 5.30 -16.22
C ASP C 167 5.08 3.91 -16.46
N SER C 168 4.76 3.33 -17.60
CA SER C 168 5.11 1.94 -17.85
C SER C 168 6.62 1.71 -17.93
N LYS C 169 7.40 2.77 -18.13
CA LYS C 169 8.85 2.62 -18.26
C LYS C 169 9.63 2.93 -16.98
N ASP C 170 9.32 4.03 -16.30
CA ASP C 170 10.07 4.44 -15.10
C ASP C 170 9.26 4.32 -13.81
N SER C 171 7.99 3.93 -13.93
CA SER C 171 7.13 3.69 -12.77
C SER C 171 6.77 4.95 -11.96
N THR C 172 7.00 6.14 -12.52
CA THR C 172 6.64 7.36 -11.81
C THR C 172 5.23 7.84 -12.04
N TYR C 173 4.87 8.87 -11.28
CA TYR C 173 3.60 9.55 -11.41
C TYR C 173 3.85 10.98 -11.85
N SER C 174 2.84 11.59 -12.48
CA SER C 174 2.83 13.03 -12.71
C SER C 174 1.49 13.57 -12.24
N LEU C 175 1.45 14.85 -11.87
CA LEU C 175 0.24 15.46 -11.34
C LEU C 175 0.06 16.88 -11.86
N SER C 176 -1.20 17.28 -12.04
CA SER C 176 -1.51 18.65 -12.40
CA SER C 176 -1.50 18.65 -12.39
C SER C 176 -2.56 19.21 -11.45
N SER C 177 -2.26 20.36 -10.88
CA SER C 177 -3.21 21.07 -10.05
C SER C 177 -3.62 22.29 -10.86
N THR C 178 -4.93 22.51 -10.96
CA THR C 178 -5.45 23.70 -11.62
C THR C 178 -6.20 24.62 -10.64
N LEU C 179 -5.71 25.85 -10.50
CA LEU C 179 -6.40 26.87 -9.71
C LEU C 179 -7.31 27.69 -10.62
N THR C 180 -8.58 27.83 -10.27
CA THR C 180 -9.52 28.56 -11.13
C THR C 180 -10.03 29.81 -10.41
N LEU C 181 -9.86 30.96 -11.08
CA LEU C 181 -10.23 32.27 -10.52
C LEU C 181 -11.04 33.03 -11.55
N SER C 182 -11.91 33.92 -11.08
CA SER C 182 -12.55 34.87 -11.98
C SER C 182 -11.48 35.81 -12.54
N LYS C 183 -11.70 36.36 -13.73
CA LYS C 183 -10.76 37.33 -14.25
C LYS C 183 -10.59 38.51 -13.29
N ALA C 184 -11.70 38.94 -12.70
CA ALA C 184 -11.65 40.03 -11.72
C ALA C 184 -10.67 39.74 -10.58
N ASP C 185 -10.88 38.63 -9.88
CA ASP C 185 -9.99 38.25 -8.78
CA ASP C 185 -9.99 38.23 -8.79
C ASP C 185 -8.54 38.14 -9.27
N TYR C 186 -8.35 37.53 -10.44
CA TYR C 186 -7.00 37.38 -11.00
C TYR C 186 -6.31 38.75 -11.19
N GLU C 187 -7.03 39.69 -11.79
CA GLU C 187 -6.54 41.05 -11.96
C GLU C 187 -6.19 41.78 -10.68
N LYS C 188 -6.78 41.38 -9.55
CA LYS C 188 -6.54 42.08 -8.28
C LYS C 188 -5.28 41.67 -7.53
N HIS C 189 -4.61 40.62 -7.98
CA HIS C 189 -3.48 40.12 -7.22
C HIS C 189 -2.21 40.01 -8.06
N LYS C 190 -1.06 39.87 -7.40
CA LYS C 190 0.20 39.95 -8.11
C LYS C 190 1.01 38.65 -8.13
N VAL C 191 1.25 38.08 -6.95
CA VAL C 191 2.13 36.93 -6.81
C VAL C 191 1.33 35.64 -6.80
N TYR C 192 1.58 34.79 -7.79
CA TYR C 192 0.92 33.50 -7.90
C TYR C 192 1.94 32.39 -7.67
N ALA C 193 1.64 31.53 -6.70
CA ALA C 193 2.63 30.58 -6.24
C ALA C 193 2.04 29.20 -6.01
N CYS C 194 2.84 28.22 -6.36
CA CYS C 194 2.49 26.84 -6.22
C CYS C 194 3.58 26.27 -5.34
N GLU C 195 3.20 25.69 -4.20
CA GLU C 195 4.19 25.16 -3.28
C GLU C 195 3.99 23.66 -3.12
N VAL C 196 5.06 22.91 -3.31
CA VAL C 196 4.94 21.48 -3.42
C VAL C 196 5.68 20.80 -2.28
N THR C 197 4.98 19.91 -1.60
CA THR C 197 5.55 19.13 -0.52
C THR C 197 5.53 17.65 -0.91
N HIS C 198 6.68 17.00 -0.78
CA HIS C 198 6.78 15.61 -1.21
C HIS C 198 7.91 14.91 -0.49
N GLN C 199 7.70 13.63 -0.18
CA GLN C 199 8.69 12.80 0.48
C GLN C 199 10.13 12.94 -0.07
N GLY C 200 10.25 13.08 -1.39
CA GLY C 200 11.55 13.18 -2.02
C GLY C 200 12.21 14.55 -1.96
N LEU C 201 11.52 15.55 -1.44
CA LEU C 201 12.12 16.87 -1.31
C LEU C 201 12.47 17.13 0.16
N SER C 202 13.68 17.65 0.39
CA SER C 202 14.14 17.87 1.76
C SER C 202 13.37 19.01 2.40
N SER C 203 13.10 20.04 1.60
CA SER C 203 12.23 21.14 1.99
C SER C 203 11.30 21.47 0.81
N PRO C 204 10.17 22.16 1.05
CA PRO C 204 9.17 22.32 -0.01
C PRO C 204 9.64 23.16 -1.19
N VAL C 205 9.14 22.86 -2.39
CA VAL C 205 9.49 23.64 -3.56
C VAL C 205 8.38 24.64 -3.96
N THR C 206 8.77 25.89 -4.17
CA THR C 206 7.85 26.91 -4.63
C THR C 206 8.22 27.45 -6.01
N LYS C 207 7.25 27.44 -6.92
CA LYS C 207 7.40 28.08 -8.21
C LYS C 207 6.36 29.19 -8.29
N SER C 208 6.73 30.32 -8.86
CA SER C 208 5.84 31.47 -8.81
C SER C 208 6.04 32.41 -9.99
N PHE C 209 5.05 33.25 -10.23
CA PHE C 209 5.19 34.30 -11.21
C PHE C 209 4.43 35.50 -10.73
N ASN C 210 4.77 36.67 -11.29
CA ASN C 210 4.05 37.90 -11.04
C ASN C 210 3.19 38.23 -12.26
N ARG C 211 1.90 38.38 -12.06
CA ARG C 211 0.98 38.65 -13.12
C ARG C 211 1.46 39.88 -13.84
N GLY C 212 1.50 39.79 -15.18
CA GLY C 212 1.99 40.88 -16.00
C GLY C 212 3.51 40.94 -16.05
N ALA C 213 4.15 39.78 -16.15
CA ALA C 213 5.61 39.65 -16.18
C ALA C 213 6.31 40.33 -15.01
N GLN D 1 -4.47 -8.08 -40.62
CA GLN D 1 -4.74 -8.86 -39.40
C GLN D 1 -6.20 -8.73 -38.92
N VAL D 2 -6.55 -9.45 -37.85
CA VAL D 2 -7.90 -9.37 -37.28
C VAL D 2 -8.12 -8.10 -36.46
N GLN D 3 -9.11 -7.30 -36.85
CA GLN D 3 -9.39 -6.05 -36.17
C GLN D 3 -10.90 -5.81 -36.04
N LEU D 4 -11.29 -5.15 -34.95
CA LEU D 4 -12.65 -4.70 -34.79
C LEU D 4 -12.62 -3.20 -34.51
N LYS D 5 -13.29 -2.41 -35.35
CA LYS D 5 -13.29 -0.96 -35.21
C LYS D 5 -14.70 -0.49 -34.98
N GLN D 6 -14.91 0.23 -33.88
CA GLN D 6 -16.27 0.64 -33.50
C GLN D 6 -16.49 2.10 -33.82
N SER D 7 -17.76 2.48 -33.96
CA SER D 7 -18.10 3.88 -34.20
C SER D 7 -17.82 4.76 -32.98
N GLY D 8 -17.86 6.08 -33.21
CA GLY D 8 -17.44 7.05 -32.22
C GLY D 8 -18.25 7.17 -30.95
N PRO D 9 -17.65 7.83 -29.93
CA PRO D 9 -18.29 8.06 -28.64
C PRO D 9 -19.47 8.98 -28.83
N GLY D 10 -20.42 8.95 -27.90
CA GLY D 10 -21.60 9.77 -28.02
C GLY D 10 -22.41 9.92 -26.76
N LEU D 11 -23.27 10.94 -26.80
CA LEU D 11 -24.17 11.28 -25.74
C LEU D 11 -25.58 10.82 -26.09
N VAL D 12 -26.29 10.28 -25.11
CA VAL D 12 -27.66 9.81 -25.30
C VAL D 12 -28.57 10.31 -24.16
N GLN D 13 -29.79 10.70 -24.51
CA GLN D 13 -30.75 11.17 -23.51
C GLN D 13 -31.31 9.98 -22.74
N PRO D 14 -31.56 10.16 -21.45
CA PRO D 14 -32.24 9.11 -20.69
C PRO D 14 -33.52 8.66 -21.38
N SER D 15 -33.81 7.36 -21.33
CA SER D 15 -35.01 6.77 -21.94
C SER D 15 -34.90 6.68 -23.47
N GLN D 16 -33.84 7.25 -24.03
CA GLN D 16 -33.62 7.12 -25.47
C GLN D 16 -32.79 5.89 -25.78
N SER D 17 -32.42 5.76 -27.05
CA SER D 17 -31.81 4.55 -27.57
C SER D 17 -30.32 4.73 -27.88
N LEU D 18 -29.59 3.62 -27.85
CA LEU D 18 -28.16 3.62 -28.12
C LEU D 18 -27.86 2.84 -29.41
N SER D 19 -26.96 3.33 -30.24
CA SER D 19 -26.58 2.59 -31.44
C SER D 19 -25.09 2.65 -31.76
N ILE D 20 -24.46 1.48 -31.81
CA ILE D 20 -23.03 1.36 -32.09
C ILE D 20 -22.77 0.41 -33.27
N THR D 21 -21.82 0.77 -34.12
CA THR D 21 -21.45 -0.11 -35.23
C THR D 21 -20.08 -0.74 -35.02
N CYS D 22 -20.02 -2.06 -35.11
CA CYS D 22 -18.75 -2.79 -35.11
C CYS D 22 -18.41 -3.26 -36.52
N THR D 23 -17.33 -2.72 -37.10
CA THR D 23 -16.90 -3.09 -38.45
C THR D 23 -15.63 -3.96 -38.41
N VAL D 24 -15.73 -5.19 -38.90
CA VAL D 24 -14.64 -6.14 -38.70
C VAL D 24 -13.80 -6.35 -39.95
N SER D 25 -12.56 -6.81 -39.76
CA SER D 25 -11.68 -7.12 -40.88
C SER D 25 -10.67 -8.23 -40.52
N GLY D 26 -10.27 -9.03 -41.51
CA GLY D 26 -9.31 -10.10 -41.28
C GLY D 26 -10.00 -11.42 -41.01
N PHE D 27 -11.33 -11.40 -41.05
CA PHE D 27 -12.15 -12.58 -40.91
C PHE D 27 -13.55 -12.23 -41.36
N SER D 28 -14.40 -13.24 -41.49
CA SER D 28 -15.76 -13.04 -41.97
C SER D 28 -16.83 -13.31 -40.90
N LEU D 29 -17.85 -12.45 -40.87
CA LEU D 29 -18.95 -12.61 -39.93
C LEU D 29 -19.69 -13.93 -40.14
N THR D 30 -19.56 -14.50 -41.34
CA THR D 30 -20.21 -15.79 -41.60
C THR D 30 -19.49 -16.92 -40.88
N ASN D 31 -18.28 -16.65 -40.37
CA ASN D 31 -17.47 -17.69 -39.73
C ASN D 31 -17.25 -17.57 -38.23
N TYR D 32 -17.56 -16.40 -37.67
CA TYR D 32 -17.34 -16.14 -36.24
C TYR D 32 -18.49 -15.34 -35.63
N GLY D 33 -18.85 -15.65 -34.39
CA GLY D 33 -19.78 -14.83 -33.65
C GLY D 33 -19.12 -13.54 -33.17
N VAL D 34 -19.91 -12.48 -32.99
CA VAL D 34 -19.37 -11.27 -32.39
C VAL D 34 -20.10 -10.99 -31.08
N HIS D 35 -19.33 -10.84 -30.00
CA HIS D 35 -19.89 -10.60 -28.67
C HIS D 35 -19.83 -9.13 -28.33
N TRP D 36 -20.59 -8.74 -27.33
CA TRP D 36 -20.57 -7.37 -26.84
C TRP D 36 -20.41 -7.38 -25.33
N VAL D 37 -19.45 -6.59 -24.86
CA VAL D 37 -19.14 -6.52 -23.46
C VAL D 37 -19.07 -5.04 -23.15
N ARG D 38 -19.54 -4.67 -21.95
CA ARG D 38 -19.38 -3.28 -21.50
C ARG D 38 -18.60 -3.22 -20.21
N GLN D 39 -18.06 -2.04 -19.93
CA GLN D 39 -17.25 -1.84 -18.74
C GLN D 39 -17.64 -0.52 -18.08
N SER D 40 -18.06 -0.57 -16.82
CA SER D 40 -18.56 0.62 -16.13
C SER D 40 -17.96 0.67 -14.73
N PRO D 41 -18.04 1.84 -14.07
CA PRO D 41 -17.47 1.97 -12.72
C PRO D 41 -18.11 1.07 -11.69
N GLY D 42 -19.43 0.91 -11.74
CA GLY D 42 -20.12 0.18 -10.70
C GLY D 42 -20.32 -1.32 -10.89
N LYS D 43 -20.28 -1.79 -12.12
CA LYS D 43 -20.50 -3.21 -12.37
C LYS D 43 -19.30 -3.88 -13.03
N GLY D 44 -18.25 -3.12 -13.28
CA GLY D 44 -17.09 -3.65 -13.96
C GLY D 44 -17.44 -4.19 -15.33
N LEU D 45 -16.78 -5.28 -15.72
CA LEU D 45 -16.99 -5.94 -16.99
C LEU D 45 -18.27 -6.79 -17.00
N GLU D 46 -19.18 -6.49 -17.92
CA GLU D 46 -20.37 -7.33 -18.11
C GLU D 46 -20.50 -7.79 -19.55
N TRP D 47 -20.75 -9.09 -19.73
CA TRP D 47 -21.03 -9.61 -21.06
C TRP D 47 -22.50 -9.33 -21.37
N LEU D 48 -22.74 -8.70 -22.51
CA LEU D 48 -24.09 -8.27 -22.85
C LEU D 48 -24.82 -9.26 -23.74
N GLY D 49 -24.12 -9.74 -24.77
CA GLY D 49 -24.74 -10.66 -25.71
C GLY D 49 -23.84 -11.03 -26.86
N VAL D 50 -24.39 -11.80 -27.79
CA VAL D 50 -23.61 -12.27 -28.92
C VAL D 50 -24.52 -12.50 -30.13
N ILE D 51 -24.04 -12.15 -31.30
CA ILE D 51 -24.65 -12.66 -32.52
C ILE D 51 -23.74 -13.70 -33.19
N TRP D 52 -24.28 -14.90 -33.40
CA TRP D 52 -23.49 -16.00 -33.97
C TRP D 52 -23.39 -15.96 -35.49
N SER D 53 -22.51 -16.77 -36.05
CA SER D 53 -22.29 -16.83 -37.50
C SER D 53 -23.58 -16.89 -38.29
N GLY D 54 -24.49 -17.77 -37.87
CA GLY D 54 -25.72 -18.03 -38.59
C GLY D 54 -26.86 -17.06 -38.30
N GLY D 55 -26.57 -15.98 -37.57
CA GLY D 55 -27.55 -14.95 -37.36
C GLY D 55 -28.29 -15.02 -36.03
N ASN D 56 -28.18 -16.15 -35.33
CA ASN D 56 -28.81 -16.33 -34.03
C ASN D 56 -28.21 -15.37 -33.01
N THR D 57 -29.04 -14.91 -32.06
CA THR D 57 -28.57 -14.04 -30.99
C THR D 57 -28.83 -14.60 -29.59
N ASP D 58 -27.91 -14.35 -28.68
CA ASP D 58 -28.12 -14.61 -27.25
C ASP D 58 -27.92 -13.32 -26.48
N TYR D 59 -28.81 -13.02 -25.54
CA TYR D 59 -28.66 -11.84 -24.71
C TYR D 59 -28.57 -12.24 -23.25
N ASN D 60 -27.65 -11.63 -22.52
CA ASN D 60 -27.58 -11.83 -21.08
C ASN D 60 -28.92 -11.43 -20.46
N THR D 61 -29.41 -12.27 -19.56
CA THR D 61 -30.76 -12.17 -19.02
C THR D 61 -31.27 -10.75 -18.67
N PRO D 62 -30.48 -9.94 -17.93
CA PRO D 62 -30.92 -8.58 -17.59
C PRO D 62 -31.15 -7.65 -18.78
N PHE D 63 -30.88 -8.09 -19.99
CA PHE D 63 -30.94 -7.18 -21.13
C PHE D 63 -31.87 -7.66 -22.25
N THR D 64 -32.46 -8.83 -22.08
CA THR D 64 -33.27 -9.45 -23.12
C THR D 64 -34.37 -8.53 -23.63
N SER D 65 -34.96 -7.76 -22.73
CA SER D 65 -36.11 -6.92 -23.06
C SER D 65 -35.74 -5.66 -23.85
N ARG D 66 -34.50 -5.20 -23.73
CA ARG D 66 -34.15 -3.93 -24.34
C ARG D 66 -32.91 -3.97 -25.24
N LEU D 67 -32.50 -5.16 -25.65
CA LEU D 67 -31.28 -5.30 -26.42
C LEU D 67 -31.51 -5.95 -27.78
N SER D 68 -30.89 -5.41 -28.82
CA SER D 68 -31.07 -5.93 -30.16
C SER D 68 -29.76 -5.88 -30.94
N ILE D 69 -29.34 -7.03 -31.45
CA ILE D 69 -28.08 -7.11 -32.17
C ILE D 69 -28.34 -7.67 -33.56
N ASN D 70 -27.80 -7.02 -34.58
CA ASN D 70 -27.96 -7.44 -35.98
C ASN D 70 -26.66 -7.34 -36.74
N LYS D 71 -26.66 -7.81 -37.98
CA LYS D 71 -25.45 -7.72 -38.78
C LYS D 71 -25.72 -7.75 -40.28
N ASP D 72 -24.71 -7.36 -41.03
CA ASP D 72 -24.70 -7.46 -42.47
C ASP D 72 -23.36 -8.11 -42.78
N ASN D 73 -23.40 -9.37 -43.22
CA ASN D 73 -22.20 -10.12 -43.54
C ASN D 73 -21.41 -9.49 -44.68
N SER D 74 -22.13 -9.01 -45.70
CA SER D 74 -21.48 -8.44 -46.88
C SER D 74 -20.71 -7.18 -46.51
N LYS D 75 -21.27 -6.38 -45.62
CA LYS D 75 -20.62 -5.15 -45.17
C LYS D 75 -19.61 -5.35 -44.02
N SER D 76 -19.48 -6.58 -43.51
CA SER D 76 -18.62 -6.87 -42.36
C SER D 76 -18.96 -6.01 -41.14
N GLN D 77 -20.25 -5.73 -40.97
CA GLN D 77 -20.72 -4.84 -39.93
C GLN D 77 -21.64 -5.55 -38.95
N VAL D 78 -21.44 -5.29 -37.66
CA VAL D 78 -22.37 -5.74 -36.62
C VAL D 78 -22.96 -4.54 -35.90
N PHE D 79 -24.29 -4.51 -35.79
CA PHE D 79 -25.02 -3.39 -35.20
C PHE D 79 -25.59 -3.69 -33.84
N PHE D 80 -25.20 -2.87 -32.87
CA PHE D 80 -25.63 -3.02 -31.49
C PHE D 80 -26.63 -1.91 -31.16
N LYS D 81 -27.76 -2.30 -30.58
CA LYS D 81 -28.81 -1.34 -30.24
C LYS D 81 -29.40 -1.69 -28.88
N MET D 82 -29.56 -0.68 -28.04
CA MET D 82 -30.09 -0.88 -26.69
C MET D 82 -31.09 0.23 -26.31
N ASN D 83 -32.25 -0.17 -25.79
CA ASN D 83 -33.36 0.75 -25.56
C ASN D 83 -33.40 1.22 -24.12
N SER D 84 -34.09 2.33 -23.90
CA SER D 84 -34.43 2.80 -22.55
C SER D 84 -33.23 2.89 -21.63
N LEU D 85 -32.27 3.72 -22.00
CA LEU D 85 -31.04 3.84 -21.21
C LEU D 85 -31.27 4.62 -19.92
N GLN D 86 -30.49 4.27 -18.90
CA GLN D 86 -30.47 5.06 -17.69
C GLN D 86 -29.05 5.52 -17.41
N SER D 87 -28.89 6.35 -16.38
CA SER D 87 -27.59 6.89 -16.02
C SER D 87 -26.54 5.78 -15.89
N ASN D 88 -26.88 4.73 -15.15
CA ASN D 88 -25.94 3.63 -14.92
C ASN D 88 -25.73 2.74 -16.15
N ASP D 89 -26.25 3.17 -17.30
CA ASP D 89 -25.88 2.53 -18.54
C ASP D 89 -24.68 3.22 -19.15
N THR D 90 -24.22 4.27 -18.48
CA THR D 90 -23.01 4.98 -18.88
C THR D 90 -21.82 4.03 -18.79
N ALA D 91 -21.16 3.75 -19.91
CA ALA D 91 -20.14 2.71 -19.95
C ALA D 91 -19.29 2.75 -21.20
N ILE D 92 -18.17 2.03 -21.19
CA ILE D 92 -17.46 1.75 -22.42
C ILE D 92 -18.09 0.49 -22.98
N TYR D 93 -18.46 0.51 -24.25
CA TYR D 93 -19.04 -0.67 -24.90
C TYR D 93 -18.06 -1.25 -25.90
N TYR D 94 -17.75 -2.55 -25.77
CA TYR D 94 -16.80 -3.18 -26.66
C TYR D 94 -17.49 -4.24 -27.50
N CYS D 95 -17.08 -4.37 -28.75
CA CYS D 95 -17.39 -5.58 -29.50
C CYS D 95 -16.15 -6.47 -29.38
N ALA D 96 -16.33 -7.77 -29.48
CA ALA D 96 -15.22 -8.70 -29.32
C ALA D 96 -15.40 -9.96 -30.14
N ARG D 97 -14.29 -10.62 -30.46
CA ARG D 97 -14.32 -11.91 -31.14
C ARG D 97 -13.56 -13.00 -30.36
N ALA D 98 -14.08 -14.22 -30.37
CA ALA D 98 -13.37 -15.35 -29.72
C ALA D 98 -12.33 -15.98 -30.63
N LEU D 99 -11.51 -16.86 -30.07
CA LEU D 99 -10.55 -17.62 -30.87
C LEU D 99 -11.25 -18.57 -31.82
N THR D 100 -12.27 -19.24 -31.32
CA THR D 100 -12.99 -20.22 -32.12
C THR D 100 -14.39 -19.71 -32.35
N TYR D 101 -15.03 -20.21 -33.41
CA TYR D 101 -16.35 -19.73 -33.79
C TYR D 101 -17.42 -19.83 -32.69
N TYR D 102 -17.28 -20.80 -31.79
CA TYR D 102 -18.31 -21.12 -30.81
C TYR D 102 -17.97 -20.72 -29.37
N ASP D 103 -16.73 -20.32 -29.12
CA ASP D 103 -16.26 -20.13 -27.75
C ASP D 103 -16.44 -18.71 -27.19
N TYR D 104 -15.95 -18.47 -25.99
CA TYR D 104 -16.11 -17.17 -25.35
C TYR D 104 -14.81 -16.65 -24.80
N GLU D 105 -13.68 -17.17 -25.27
CA GLU D 105 -12.41 -16.59 -24.85
C GLU D 105 -12.07 -15.47 -25.83
N PHE D 106 -12.09 -14.24 -25.32
CA PHE D 106 -12.07 -13.06 -26.17
C PHE D 106 -10.67 -12.60 -26.56
N ALA D 107 -10.19 -13.12 -27.68
CA ALA D 107 -8.86 -12.82 -28.17
C ALA D 107 -8.77 -11.48 -28.89
N TYR D 108 -9.89 -10.99 -29.43
CA TYR D 108 -9.82 -9.75 -30.21
C TYR D 108 -10.89 -8.77 -29.76
N TRP D 109 -10.48 -7.53 -29.51
CA TRP D 109 -11.39 -6.49 -29.00
C TRP D 109 -11.40 -5.22 -29.85
N GLY D 110 -12.57 -4.61 -29.94
CA GLY D 110 -12.69 -3.26 -30.48
C GLY D 110 -12.01 -2.28 -29.54
N GLN D 111 -11.87 -1.04 -29.97
CA GLN D 111 -11.21 -0.04 -29.14
C GLN D 111 -12.15 0.44 -28.03
N GLY D 112 -13.42 0.08 -28.14
CA GLY D 112 -14.41 0.52 -27.17
C GLY D 112 -15.03 1.88 -27.52
N THR D 113 -16.31 2.02 -27.19
CA THR D 113 -17.04 3.26 -27.43
C THR D 113 -17.66 3.71 -26.13
N LEU D 114 -17.26 4.88 -25.65
CA LEU D 114 -17.84 5.41 -24.43
C LEU D 114 -19.22 5.99 -24.74
N VAL D 115 -20.23 5.52 -24.03
CA VAL D 115 -21.56 6.10 -24.15
C VAL D 115 -21.99 6.81 -22.86
N THR D 116 -22.26 8.10 -22.96
CA THR D 116 -22.71 8.82 -21.81
C THR D 116 -24.22 9.01 -21.85
N VAL D 117 -24.88 8.60 -20.77
CA VAL D 117 -26.29 8.87 -20.62
C VAL D 117 -26.50 10.09 -19.72
N SER D 118 -26.95 11.19 -20.33
CA SER D 118 -27.15 12.45 -19.62
C SER D 118 -28.20 13.29 -20.32
N ALA D 119 -28.85 14.17 -19.56
CA ALA D 119 -29.79 15.12 -20.13
C ALA D 119 -29.11 16.41 -20.66
N ALA D 120 -27.81 16.53 -20.38
CA ALA D 120 -27.05 17.70 -20.78
C ALA D 120 -26.79 17.83 -22.29
N SER D 121 -26.25 18.98 -22.67
CA SER D 121 -25.95 19.29 -24.05
C SER D 121 -24.51 18.95 -24.38
N THR D 122 -24.25 18.62 -25.63
CA THR D 122 -22.90 18.46 -26.13
C THR D 122 -22.29 19.85 -26.17
N LYS D 123 -21.00 19.94 -25.82
CA LYS D 123 -20.29 21.22 -25.88
C LYS D 123 -18.81 20.99 -26.15
N GLY D 124 -18.30 21.62 -27.20
CA GLY D 124 -16.91 21.49 -27.56
C GLY D 124 -16.03 22.33 -26.65
N PRO D 125 -14.75 21.97 -26.54
CA PRO D 125 -13.85 22.63 -25.61
C PRO D 125 -13.16 23.84 -26.20
N SER D 126 -12.61 24.67 -25.31
CA SER D 126 -11.68 25.69 -25.73
C SER D 126 -10.30 25.17 -25.39
N VAL D 127 -9.32 25.51 -26.21
CA VAL D 127 -7.97 25.02 -26.05
C VAL D 127 -7.03 26.19 -25.81
N PHE D 128 -6.32 26.17 -24.68
CA PHE D 128 -5.47 27.29 -24.30
C PHE D 128 -4.05 26.80 -24.11
N PRO D 129 -3.06 27.66 -24.40
CA PRO D 129 -1.65 27.26 -24.23
C PRO D 129 -1.23 27.22 -22.77
N LEU D 130 -0.40 26.23 -22.43
CA LEU D 130 0.33 26.22 -21.17
C LEU D 130 1.79 26.50 -21.51
N ALA D 131 2.14 27.78 -21.45
CA ALA D 131 3.42 28.26 -21.97
C ALA D 131 4.48 28.48 -20.90
N PRO D 132 5.73 28.06 -21.21
CA PRO D 132 6.94 28.32 -20.42
C PRO D 132 7.28 29.82 -20.34
N SER D 133 7.80 30.25 -19.20
CA SER D 133 8.22 31.65 -19.02
C SER D 133 9.57 31.93 -19.66
N GLY D 139 16.56 21.14 -15.68
CA GLY D 139 17.61 22.15 -15.58
C GLY D 139 17.64 23.04 -16.81
N GLY D 140 17.81 22.40 -17.97
CA GLY D 140 17.55 23.04 -19.25
C GLY D 140 16.36 22.35 -19.91
N THR D 141 15.46 21.82 -19.09
CA THR D 141 14.22 21.22 -19.58
C THR D 141 13.10 22.23 -19.42
N ALA D 142 12.30 22.38 -20.47
CA ALA D 142 11.13 23.22 -20.39
C ALA D 142 9.87 22.36 -20.45
N ALA D 143 8.83 22.78 -19.77
CA ALA D 143 7.57 22.10 -19.89
C ALA D 143 6.61 22.99 -20.66
N LEU D 144 5.79 22.39 -21.51
CA LEU D 144 4.72 23.15 -22.13
C LEU D 144 3.50 22.26 -22.26
N GLY D 145 2.35 22.83 -22.55
CA GLY D 145 1.16 22.03 -22.57
C GLY D 145 -0.06 22.72 -23.15
N CYS D 146 -1.16 21.98 -23.15
CA CYS D 146 -2.46 22.49 -23.55
C CYS D 146 -3.49 22.25 -22.47
N LEU D 147 -4.27 23.27 -22.19
CA LEU D 147 -5.42 23.16 -21.30
C LEU D 147 -6.67 23.04 -22.16
N VAL D 148 -7.35 21.91 -22.04
CA VAL D 148 -8.54 21.63 -22.82
C VAL D 148 -9.75 21.78 -21.90
N LYS D 149 -10.46 22.88 -22.08
CA LYS D 149 -11.39 23.40 -21.07
C LYS D 149 -12.84 23.38 -21.52
N ASP D 150 -13.71 22.94 -20.64
CA ASP D 150 -15.17 23.14 -20.74
C ASP D 150 -15.86 22.37 -21.85
N TYR D 151 -15.77 21.05 -21.79
CA TYR D 151 -16.40 20.21 -22.79
C TYR D 151 -17.26 19.12 -22.15
N PHE D 152 -18.17 18.59 -22.94
CA PHE D 152 -19.06 17.54 -22.52
C PHE D 152 -19.68 16.94 -23.77
N PRO D 153 -19.82 15.61 -23.81
CA PRO D 153 -19.36 14.67 -22.77
C PRO D 153 -17.91 14.29 -23.00
N GLU D 154 -17.43 13.33 -22.23
CA GLU D 154 -16.17 12.68 -22.55
C GLU D 154 -16.34 11.84 -23.82
N PRO D 155 -15.24 11.62 -24.55
CA PRO D 155 -13.88 12.05 -24.22
C PRO D 155 -13.29 13.02 -25.24
N VAL D 156 -12.10 13.55 -24.93
CA VAL D 156 -11.28 14.20 -25.94
C VAL D 156 -10.00 13.38 -26.09
N THR D 157 -9.34 13.57 -27.22
CA THR D 157 -8.05 12.96 -27.45
C THR D 157 -7.04 14.06 -27.68
N VAL D 158 -5.83 13.86 -27.19
CA VAL D 158 -4.76 14.81 -27.46
C VAL D 158 -3.55 14.04 -27.94
N SER D 159 -2.88 14.56 -28.97
CA SER D 159 -1.58 14.07 -29.34
C SER D 159 -0.68 15.27 -29.55
N TRP D 160 0.59 15.03 -29.80
CA TRP D 160 1.52 16.11 -30.07
C TRP D 160 2.23 15.93 -31.42
N ASN D 161 2.26 17.01 -32.19
CA ASN D 161 2.90 17.01 -33.51
C ASN D 161 2.44 15.83 -34.37
N SER D 162 1.13 15.58 -34.35
CA SER D 162 0.49 14.52 -35.14
C SER D 162 0.95 13.10 -34.79
N GLY D 163 1.33 12.89 -33.54
CA GLY D 163 1.74 11.57 -33.10
C GLY D 163 3.24 11.39 -33.11
N ALA D 164 3.96 12.33 -33.71
CA ALA D 164 5.41 12.21 -33.83
C ALA D 164 6.11 12.41 -32.49
N LEU D 165 5.47 13.17 -31.61
CA LEU D 165 6.05 13.44 -30.30
C LEU D 165 5.28 12.69 -29.22
N THR D 166 5.95 11.75 -28.58
CA THR D 166 5.33 10.93 -27.54
C THR D 166 6.19 10.91 -26.29
N SER D 167 7.50 11.03 -26.48
CA SER D 167 8.45 10.96 -25.40
C SER D 167 8.29 12.16 -24.48
N GLY D 168 8.05 11.89 -23.19
CA GLY D 168 7.86 12.94 -22.21
C GLY D 168 6.48 13.56 -22.20
N VAL D 169 5.55 12.99 -22.97
CA VAL D 169 4.16 13.43 -22.95
C VAL D 169 3.40 12.83 -21.76
N HIS D 170 2.72 13.67 -20.99
CA HIS D 170 1.72 13.19 -20.01
C HIS D 170 0.37 13.84 -20.29
N THR D 171 -0.61 13.02 -20.60
CA THR D 171 -1.95 13.56 -20.77
C THR D 171 -2.79 13.12 -19.58
N PHE D 172 -3.30 14.10 -18.85
CA PHE D 172 -3.91 13.84 -17.56
C PHE D 172 -5.35 13.39 -17.68
N PRO D 173 -5.82 12.63 -16.69
CA PRO D 173 -7.23 12.27 -16.63
C PRO D 173 -8.10 13.52 -16.59
N ALA D 174 -9.26 13.45 -17.26
CA ALA D 174 -10.22 14.53 -17.26
C ALA D 174 -10.78 14.72 -15.86
N VAL D 175 -11.06 15.96 -15.48
CA VAL D 175 -11.76 16.16 -14.21
C VAL D 175 -13.09 16.80 -14.47
N LEU D 176 -14.11 16.33 -13.73
CA LEU D 176 -15.41 16.94 -13.82
C LEU D 176 -15.40 18.21 -12.97
N GLN D 177 -15.68 19.35 -13.60
CA GLN D 177 -15.68 20.65 -12.90
C GLN D 177 -17.04 20.82 -12.27
N SER D 178 -17.12 21.63 -11.22
CA SER D 178 -18.39 21.82 -10.51
C SER D 178 -19.47 22.39 -11.42
N SER D 179 -19.05 22.89 -12.58
CA SER D 179 -19.97 23.39 -13.59
C SER D 179 -20.62 22.28 -14.40
N GLY D 180 -20.18 21.03 -14.20
CA GLY D 180 -20.69 19.92 -14.98
C GLY D 180 -19.95 19.65 -16.30
N LEU D 181 -18.96 20.49 -16.62
CA LEU D 181 -18.19 20.32 -17.84
C LEU D 181 -16.82 19.75 -17.52
N TYR D 182 -16.26 18.98 -18.45
CA TYR D 182 -14.94 18.40 -18.24
C TYR D 182 -13.79 19.34 -18.60
N SER D 183 -12.61 18.98 -18.14
CA SER D 183 -11.41 19.78 -18.37
C SER D 183 -10.24 18.84 -18.25
N LEU D 184 -9.23 19.06 -19.09
CA LEU D 184 -8.14 18.12 -19.21
C LEU D 184 -6.88 18.90 -19.58
N SER D 185 -5.74 18.41 -19.15
CA SER D 185 -4.47 19.04 -19.49
C SER D 185 -3.52 18.00 -20.05
N SER D 186 -2.79 18.37 -21.09
CA SER D 186 -1.73 17.53 -21.65
C SER D 186 -0.44 18.34 -21.65
N VAL D 187 0.65 17.74 -21.19
CA VAL D 187 1.95 18.42 -21.12
C VAL D 187 3.09 17.59 -21.71
N VAL D 188 4.17 18.24 -22.10
CA VAL D 188 5.36 17.53 -22.54
C VAL D 188 6.59 18.30 -22.05
N THR D 189 7.65 17.58 -21.70
CA THR D 189 8.91 18.23 -21.40
C THR D 189 9.83 18.12 -22.62
N VAL D 190 10.46 19.24 -22.95
CA VAL D 190 11.33 19.31 -24.11
C VAL D 190 12.61 20.07 -23.73
N PRO D 191 13.71 19.82 -24.46
CA PRO D 191 14.90 20.66 -24.27
C PRO D 191 14.57 22.13 -24.50
N SER D 192 14.92 22.99 -23.54
CA SER D 192 14.58 24.40 -23.64
C SER D 192 15.24 25.08 -24.84
N SER D 193 16.39 24.58 -25.28
CA SER D 193 17.08 25.18 -26.42
C SER D 193 16.41 24.89 -27.77
N SER D 194 15.41 24.02 -27.78
CA SER D 194 14.70 23.72 -29.02
C SER D 194 13.42 24.55 -29.18
N LEU D 195 13.13 25.42 -28.22
CA LEU D 195 11.87 26.19 -28.21
C LEU D 195 11.78 27.23 -29.32
N GLY D 196 12.91 27.62 -29.87
CA GLY D 196 12.95 28.59 -30.95
C GLY D 196 12.80 27.98 -32.34
N THR D 197 13.42 26.83 -32.56
CA THR D 197 13.45 26.21 -33.89
C THR D 197 12.41 25.11 -34.13
N GLN D 198 12.06 24.37 -33.07
CA GLN D 198 11.10 23.28 -33.19
C GLN D 198 9.69 23.70 -32.78
N THR D 199 8.70 23.39 -33.61
CA THR D 199 7.32 23.73 -33.26
C THR D 199 6.65 22.63 -32.46
N TYR D 200 5.87 23.04 -31.48
CA TYR D 200 5.12 22.10 -30.67
C TYR D 200 3.62 22.36 -30.80
N ILE D 201 2.91 21.35 -31.27
CA ILE D 201 1.50 21.53 -31.54
C ILE D 201 0.71 20.47 -30.81
N CYS D 202 -0.34 20.86 -30.09
CA CYS D 202 -1.22 19.84 -29.56
C CYS D 202 -2.42 19.65 -30.49
N ASN D 203 -2.72 18.39 -30.78
CA ASN D 203 -3.85 18.09 -31.63
C ASN D 203 -5.02 17.62 -30.79
N VAL D 204 -6.00 18.49 -30.67
CA VAL D 204 -7.12 18.23 -29.80
C VAL D 204 -8.30 17.86 -30.66
N ASN D 205 -8.94 16.76 -30.30
CA ASN D 205 -10.12 16.30 -30.99
C ASN D 205 -11.21 15.89 -30.00
N HIS D 206 -12.34 16.57 -30.08
CA HIS D 206 -13.52 16.21 -29.31
C HIS D 206 -14.60 15.75 -30.28
N LYS D 207 -14.66 14.44 -30.50
CA LYS D 207 -15.57 13.89 -31.49
C LYS D 207 -17.08 14.12 -31.27
N PRO D 208 -17.56 14.04 -30.01
CA PRO D 208 -18.99 14.31 -29.79
C PRO D 208 -19.47 15.66 -30.32
N SER D 209 -18.59 16.64 -30.42
CA SER D 209 -18.99 17.95 -30.94
C SER D 209 -18.37 18.21 -32.30
N ASN D 210 -17.67 17.21 -32.83
CA ASN D 210 -16.87 17.39 -34.04
C ASN D 210 -15.95 18.63 -34.00
N THR D 211 -15.36 18.89 -32.83
CA THR D 211 -14.44 20.01 -32.67
C THR D 211 -13.01 19.52 -32.76
N LYS D 212 -12.27 20.02 -33.73
CA LYS D 212 -10.85 19.70 -33.86
C LYS D 212 -10.03 20.97 -33.83
N VAL D 213 -9.00 21.00 -33.01
CA VAL D 213 -8.13 22.17 -32.87
C VAL D 213 -6.66 21.72 -32.85
N ASP D 214 -5.82 22.36 -33.66
CA ASP D 214 -4.37 22.25 -33.53
C ASP D 214 -3.82 23.55 -32.95
N LYS D 215 -3.16 23.46 -31.80
CA LYS D 215 -2.69 24.65 -31.10
C LYS D 215 -1.18 24.62 -30.95
N ARG D 216 -0.51 25.61 -31.49
CA ARG D 216 0.92 25.75 -31.28
C ARG D 216 1.18 26.37 -29.92
N VAL D 217 2.12 25.82 -29.18
CA VAL D 217 2.39 26.31 -27.84
C VAL D 217 3.82 26.76 -27.78
N GLU D 218 4.05 28.00 -27.36
CA GLU D 218 5.42 28.54 -27.27
C GLU D 218 5.52 29.54 -26.15
N PRO D 219 6.75 29.90 -25.75
CA PRO D 219 6.90 30.91 -24.69
C PRO D 219 6.32 32.25 -25.11
N LYS D 220 5.73 32.96 -24.15
CA LYS D 220 4.99 34.20 -24.45
C LYS D 220 5.90 35.41 -24.72
N CYS E 1 10.80 -8.14 3.10
CA CYS E 1 10.39 -7.89 4.48
C CYS E 1 11.26 -8.64 5.47
N GLN E 2 11.35 -8.12 6.68
CA GLN E 2 12.14 -8.75 7.73
C GLN E 2 11.52 -8.59 9.09
N PHE E 3 11.62 -9.66 9.87
CA PHE E 3 11.18 -9.65 11.26
C PHE E 3 12.03 -8.68 12.05
N ASP E 4 11.40 -7.87 12.88
CA ASP E 4 12.09 -6.91 13.72
C ASP E 4 11.81 -7.23 15.17
N SER E 6 12.22 -5.46 17.87
CA SER E 6 11.66 -4.34 18.62
C SER E 6 10.14 -4.43 18.77
N THR E 7 9.47 -4.77 17.67
CA THR E 7 8.02 -4.82 17.64
C THR E 7 7.49 -6.24 17.50
N ARG E 8 8.40 -7.18 17.24
CA ARG E 8 8.04 -8.53 16.82
C ARG E 8 7.10 -8.48 15.61
N ARG E 9 7.36 -7.53 14.72
CA ARG E 9 6.57 -7.40 13.52
C ARG E 9 7.46 -7.37 12.29
N LEU E 10 6.89 -7.68 11.14
CA LEU E 10 7.63 -7.57 9.90
C LEU E 10 7.86 -6.09 9.56
N LYS E 11 9.08 -5.76 9.16
CA LYS E 11 9.40 -4.42 8.68
C LYS E 11 9.75 -4.49 7.20
N CYS E 12 9.03 -3.73 6.39
CA CYS E 12 9.22 -3.80 4.95
C CYS E 12 9.93 -2.55 4.42
N CYS F 1 -12.56 -1.53 -5.52
CA CYS F 1 -12.18 -0.37 -6.31
C CYS F 1 -13.31 0.08 -7.22
N GLN F 2 -12.95 0.93 -8.17
CA GLN F 2 -13.88 1.38 -9.20
C GLN F 2 -13.17 1.64 -10.51
N PHE F 3 -13.73 1.11 -11.59
CA PHE F 3 -13.22 1.35 -12.92
C PHE F 3 -13.42 2.84 -13.26
N ASP F 4 -12.38 3.45 -13.84
CA ASP F 4 -12.38 4.86 -14.20
C ASP F 4 -12.22 4.98 -15.71
N SER F 6 -11.37 7.69 -17.58
CA SER F 6 -10.26 8.48 -18.11
C SER F 6 -8.96 7.70 -18.25
N THR F 7 -8.73 6.71 -17.38
CA THR F 7 -7.52 5.90 -17.49
C THR F 7 -7.78 4.47 -17.98
N ARG F 8 -9.05 4.06 -17.96
CA ARG F 8 -9.44 2.68 -18.21
C ARG F 8 -8.74 1.78 -17.21
N ARG F 9 -8.62 2.28 -15.99
CA ARG F 9 -7.94 1.56 -14.93
C ARG F 9 -8.76 1.57 -13.65
N LEU F 10 -8.60 0.52 -12.85
CA LEU F 10 -9.17 0.48 -11.52
C LEU F 10 -8.58 1.61 -10.67
N LYS F 11 -9.47 2.36 -10.02
CA LYS F 11 -9.06 3.41 -9.10
CA LYS F 11 -9.06 3.41 -9.09
C LYS F 11 -9.54 3.02 -7.71
N CYS F 12 -8.63 2.96 -6.74
CA CYS F 12 -9.00 2.42 -5.43
C CYS F 12 -9.06 3.45 -4.28
#